data_7QIT
#
_entry.id   7QIT
#
_cell.length_a   99.964
_cell.length_b   99.964
_cell.length_c   206.523
_cell.angle_alpha   90.000
_cell.angle_beta   90.000
_cell.angle_gamma   120.000
#
_symmetry.space_group_name_H-M   'P 61'
#
loop_
_entity.id
_entity.type
_entity.pdbx_description
1 polymer 'Chymotrypsin A chain A'
2 polymer 'Chymotrypsin A chain B'
3 polymer 'Chymotrypsin A chain C'
4 polymer 'Pancreatic trypsin inhibitor'
5 non-polymer GLYCEROL
6 non-polymer 'SULFATE ION'
7 water water
#
loop_
_entity_poly.entity_id
_entity_poly.type
_entity_poly.pdbx_seq_one_letter_code
_entity_poly.pdbx_strand_id
1 'polypeptide(L)' CGVPAIQPVLSGL A,E
2 'polypeptide(L)'
;IVNGEEAVPGSWPWQVSLQDKTGFHFCGGSLINENWVVTAAHCGVTTSDVVVAGEFDQGSSSEKIQKLKIAKVFKNSKYN
SLTINNDITLLKLSTAASFSQTVSAVCLPSASDDFAAGTTCVTTGWGLTRY
;
B,F
3 'polypeptide(L)'
;ANTPDRLQQASLPLLSNTNCKKYWGTKIKDAMICAGASGVSSCMGDSGGPLVCKKNGAWTLVGIVSWGSSTCSTSTPGVY
ARVTALVNWVQQTLAAN
;
C,G
4 'polypeptide(L)' RPDFCLEPPYTGPC(3EG)ARIIRYFYNAKAGLCQTFVYGGCRAKRNNFKSAEDCMRTCGGA D,H
#
loop_
_chem_comp.id
_chem_comp.type
_chem_comp.name
_chem_comp.formula
GOL non-polymer GLYCEROL 'C3 H8 O3'
SO4 non-polymer 'SULFATE ION' 'O4 S -2'
#
# COMPACT_ATOMS: atom_id res chain seq x y z
N CYS A 1 -21.38 36.83 7.94
CA CYS A 1 -21.39 35.37 7.85
C CYS A 1 -22.72 34.72 7.40
N GLY A 2 -22.61 33.46 6.98
CA GLY A 2 -23.77 32.62 6.74
C GLY A 2 -24.69 33.01 5.60
N VAL A 3 -24.29 33.94 4.74
CA VAL A 3 -25.11 34.38 3.62
C VAL A 3 -24.32 34.22 2.33
N PRO A 4 -24.54 33.13 1.60
CA PRO A 4 -23.76 32.89 0.38
C PRO A 4 -24.09 33.91 -0.69
N ALA A 5 -23.06 34.36 -1.41
CA ALA A 5 -23.26 35.22 -2.57
C ALA A 5 -24.02 34.48 -3.68
N ILE A 6 -23.83 33.17 -3.80
CA ILE A 6 -24.55 32.31 -4.74
C ILE A 6 -25.56 31.48 -3.96
N GLN A 7 -26.85 31.63 -4.27
CA GLN A 7 -27.88 31.02 -3.45
C GLN A 7 -27.94 29.52 -3.68
N PRO A 8 -27.95 28.70 -2.62
CA PRO A 8 -28.13 27.25 -2.80
C PRO A 8 -29.52 26.92 -3.32
N VAL A 9 -29.60 25.83 -4.07
CA VAL A 9 -30.88 25.25 -4.49
C VAL A 9 -30.99 23.87 -3.87
N LEU A 10 -32.00 23.68 -3.03
CA LEU A 10 -32.27 22.42 -2.33
C LEU A 10 -33.49 21.73 -2.92
N SER A 11 -33.40 20.44 -3.15
N SER A 11 -33.36 20.44 -3.18
CA SER A 11 -34.55 19.71 -3.69
CA SER A 11 -34.43 19.67 -3.82
C SER A 11 -35.45 19.20 -2.57
C SER A 11 -35.17 18.81 -2.81
N ILE B 1 -21.71 11.83 0.94
CA ILE B 1 -23.14 11.87 1.29
C ILE B 1 -23.90 10.87 0.42
N VAL B 2 -24.62 9.94 1.05
CA VAL B 2 -25.43 8.96 0.35
C VAL B 2 -26.81 9.56 0.09
N ASN B 3 -27.28 9.45 -1.16
N ASN B 3 -27.29 9.43 -1.15
CA ASN B 3 -28.60 9.92 -1.57
CA ASN B 3 -28.62 9.91 -1.58
C ASN B 3 -28.78 11.43 -1.43
C ASN B 3 -28.78 11.42 -1.47
N GLY B 4 -27.69 12.18 -1.49
CA GLY B 4 -27.77 13.63 -1.55
C GLY B 4 -27.98 14.06 -2.98
N GLU B 5 -27.50 15.26 -3.30
N GLU B 5 -27.53 15.29 -3.30
CA GLU B 5 -27.54 15.76 -4.66
CA GLU B 5 -27.62 15.83 -4.65
C GLU B 5 -26.39 16.72 -4.86
C GLU B 5 -26.47 16.81 -4.85
N GLU B 6 -26.10 17.00 -6.12
CA GLU B 6 -25.05 17.95 -6.45
C GLU B 6 -25.44 19.35 -6.00
N ALA B 7 -24.52 20.06 -5.35
CA ALA B 7 -24.79 21.44 -4.96
C ALA B 7 -24.67 22.37 -6.17
N VAL B 8 -25.33 23.51 -6.08
CA VAL B 8 -25.01 24.61 -7.01
C VAL B 8 -23.58 25.05 -6.76
N PRO B 9 -22.74 25.19 -7.79
CA PRO B 9 -21.33 25.51 -7.56
C PRO B 9 -21.17 26.79 -6.73
N GLY B 10 -20.35 26.70 -5.68
CA GLY B 10 -20.05 27.86 -4.87
C GLY B 10 -21.15 28.30 -3.92
N SER B 11 -22.29 27.62 -3.90
CA SER B 11 -23.38 28.02 -3.01
C SER B 11 -23.14 27.64 -1.54
N TRP B 12 -22.06 26.92 -1.21
CA TRP B 12 -21.72 26.61 0.19
C TRP B 12 -20.31 27.11 0.45
N PRO B 13 -20.09 28.43 0.46
CA PRO B 13 -18.73 28.96 0.28
C PRO B 13 -17.85 28.81 1.51
N TRP B 14 -18.42 28.42 2.67
CA TRP B 14 -17.55 28.11 3.80
C TRP B 14 -17.02 26.67 3.77
N GLN B 15 -17.57 25.82 2.90
CA GLN B 15 -17.10 24.44 2.80
C GLN B 15 -15.68 24.38 2.26
N VAL B 16 -14.75 23.79 3.01
CA VAL B 16 -13.39 23.57 2.52
C VAL B 16 -13.14 22.08 2.40
N SER B 17 -12.10 21.75 1.65
CA SER B 17 -11.60 20.38 1.54
C SER B 17 -10.23 20.34 2.21
N LEU B 18 -10.03 19.37 3.09
CA LEU B 18 -8.76 19.16 3.77
C LEU B 18 -8.02 18.06 3.04
N GLN B 19 -6.79 18.36 2.60
CA GLN B 19 -6.03 17.48 1.71
C GLN B 19 -4.61 17.29 2.25
N ASP B 20 -4.02 16.15 1.92
CA ASP B 20 -2.60 15.99 2.19
C ASP B 20 -1.79 16.69 1.11
N LYS B 21 -0.46 16.64 1.27
CA LYS B 21 0.45 17.36 0.38
C LYS B 21 0.34 16.90 -1.07
N THR B 22 -0.25 15.73 -1.32
CA THR B 22 -0.42 15.25 -2.69
C THR B 22 -1.76 15.63 -3.29
N GLY B 23 -2.65 16.28 -2.54
CA GLY B 23 -3.99 16.56 -3.03
C GLY B 23 -5.06 15.56 -2.65
N PHE B 24 -4.78 14.58 -1.79
CA PHE B 24 -5.80 13.60 -1.45
C PHE B 24 -6.75 14.18 -0.41
N HIS B 25 -8.06 14.16 -0.71
CA HIS B 25 -9.10 14.70 0.19
C HIS B 25 -9.41 13.68 1.29
N PHE B 26 -9.22 14.07 2.55
CA PHE B 26 -9.52 13.12 3.63
C PHE B 26 -10.60 13.61 4.61
N CYS B 27 -10.96 14.88 4.59
CA CYS B 27 -11.97 15.45 5.47
C CYS B 27 -12.43 16.77 4.86
N GLY B 28 -13.60 17.25 5.33
CA GLY B 28 -14.03 18.60 5.07
C GLY B 28 -13.81 19.49 6.28
N GLY B 29 -14.23 20.75 6.14
CA GLY B 29 -14.17 21.71 7.23
C GLY B 29 -14.98 22.91 6.82
N SER B 30 -15.10 23.87 7.74
CA SER B 30 -15.88 25.09 7.52
C SER B 30 -15.06 26.31 7.92
N LEU B 31 -14.94 27.28 6.99
CA LEU B 31 -14.41 28.60 7.35
C LEU B 31 -15.32 29.31 8.34
N ILE B 32 -14.73 29.81 9.43
CA ILE B 32 -15.49 30.66 10.36
C ILE B 32 -15.04 32.13 10.31
N ASN B 33 -13.89 32.43 9.72
CA ASN B 33 -13.46 33.76 9.31
C ASN B 33 -12.29 33.54 8.36
N GLU B 34 -11.53 34.59 8.04
CA GLU B 34 -10.54 34.47 6.98
C GLU B 34 -9.29 33.70 7.43
N ASN B 35 -9.11 33.49 8.73
CA ASN B 35 -7.89 32.88 9.26
C ASN B 35 -8.14 31.54 9.95
N TRP B 36 -9.39 31.08 10.07
CA TRP B 36 -9.66 29.91 10.89
C TRP B 36 -10.69 28.98 10.26
N VAL B 37 -10.42 27.69 10.34
CA VAL B 37 -11.32 26.63 9.87
C VAL B 37 -11.66 25.75 11.06
N VAL B 38 -12.91 25.34 11.18
CA VAL B 38 -13.34 24.37 12.19
C VAL B 38 -13.63 23.03 11.48
N THR B 39 -13.16 21.95 12.08
CA THR B 39 -13.27 20.60 11.50
C THR B 39 -13.37 19.60 12.67
N ALA B 40 -13.32 18.32 12.38
CA ALA B 40 -13.48 17.32 13.44
C ALA B 40 -12.13 16.94 14.00
N ALA B 41 -12.09 16.62 15.31
CA ALA B 41 -10.81 16.20 15.89
C ALA B 41 -10.35 14.87 15.32
N HIS B 42 -11.27 13.95 15.02
CA HIS B 42 -10.77 12.65 14.54
C HIS B 42 -10.19 12.74 13.13
N CYS B 43 -10.34 13.87 12.41
CA CYS B 43 -9.65 13.99 11.13
C CYS B 43 -8.12 13.98 11.28
N GLY B 44 -7.59 14.26 12.46
CA GLY B 44 -6.13 14.18 12.64
C GLY B 44 -5.31 15.14 11.80
N VAL B 45 -5.81 16.36 11.58
CA VAL B 45 -5.12 17.30 10.71
C VAL B 45 -3.78 17.70 11.31
N THR B 46 -2.76 17.84 10.46
CA THR B 46 -1.47 18.37 10.88
C THR B 46 -1.10 19.58 10.04
N THR B 47 0.00 20.25 10.42
CA THR B 47 0.45 21.41 9.66
C THR B 47 1.00 21.05 8.28
N SER B 48 1.13 19.75 7.95
CA SER B 48 1.52 19.32 6.62
C SER B 48 0.34 19.24 5.64
N ASP B 49 -0.88 19.23 6.15
CA ASP B 49 -2.09 19.18 5.33
C ASP B 49 -2.45 20.59 4.87
N VAL B 50 -3.37 20.68 3.90
N VAL B 50 -3.41 20.65 3.95
CA VAL B 50 -3.72 21.97 3.33
CA VAL B 50 -3.77 21.87 3.25
C VAL B 50 -5.23 22.13 3.30
C VAL B 50 -5.27 22.09 3.36
N VAL B 51 -5.67 23.36 3.52
CA VAL B 51 -7.05 23.75 3.40
C VAL B 51 -7.30 24.25 1.98
N VAL B 52 -8.21 23.61 1.25
CA VAL B 52 -8.56 24.03 -0.11
C VAL B 52 -9.93 24.71 -0.06
N ALA B 53 -9.98 25.99 -0.36
CA ALA B 53 -11.21 26.79 -0.30
C ALA B 53 -11.67 27.17 -1.70
N GLY B 54 -12.98 27.42 -1.84
CA GLY B 54 -13.55 27.82 -3.12
C GLY B 54 -13.75 26.69 -4.11
N GLU B 55 -13.65 25.44 -3.67
CA GLU B 55 -13.71 24.31 -4.60
C GLU B 55 -15.15 23.84 -4.86
N PHE B 56 -15.35 23.32 -6.07
CA PHE B 56 -16.60 22.64 -6.38
C PHE B 56 -16.30 21.25 -6.93
N ASP B 57 -15.52 21.22 -7.98
CA ASP B 57 -15.28 20.01 -8.77
C ASP B 57 -13.83 19.63 -8.54
N GLN B 58 -13.61 18.63 -7.69
CA GLN B 58 -12.26 18.18 -7.36
C GLN B 58 -11.60 17.49 -8.54
N GLY B 59 -12.36 17.10 -9.56
CA GLY B 59 -11.77 16.59 -10.76
C GLY B 59 -11.48 17.62 -11.83
N SER B 60 -11.72 18.90 -11.58
CA SER B 60 -11.43 19.95 -12.55
C SER B 60 -10.11 20.60 -12.14
N SER B 61 -9.10 20.42 -12.97
CA SER B 61 -7.80 21.03 -12.71
C SER B 61 -7.76 22.52 -13.02
N SER B 62 -8.80 23.04 -13.68
CA SER B 62 -8.85 24.43 -14.10
C SER B 62 -9.63 25.35 -13.16
N GLU B 63 -10.43 24.81 -12.24
CA GLU B 63 -11.16 25.61 -11.26
C GLU B 63 -10.19 26.48 -10.44
N LYS B 64 -10.55 27.76 -10.25
CA LYS B 64 -9.77 28.61 -9.36
C LYS B 64 -10.08 28.26 -7.92
N ILE B 65 -9.06 27.89 -7.17
CA ILE B 65 -9.19 27.51 -5.76
C ILE B 65 -8.11 28.22 -4.97
N GLN B 66 -8.25 28.24 -3.66
CA GLN B 66 -7.20 28.77 -2.80
C GLN B 66 -6.65 27.63 -1.97
N LYS B 67 -5.40 27.24 -2.24
N LYS B 67 -5.35 27.34 -2.14
CA LYS B 67 -4.70 26.28 -1.41
CA LYS B 67 -4.63 26.28 -1.43
C LYS B 67 -4.03 27.06 -0.29
C LYS B 67 -3.89 26.92 -0.27
N LEU B 68 -4.43 26.78 0.95
CA LEU B 68 -4.01 27.57 2.10
C LEU B 68 -3.25 26.69 3.10
N LYS B 69 -2.03 27.11 3.45
CA LYS B 69 -1.25 26.39 4.46
C LYS B 69 -1.80 26.59 5.86
N ILE B 70 -1.57 25.62 6.71
CA ILE B 70 -2.04 25.63 8.10
C ILE B 70 -0.86 26.00 8.99
N ALA B 71 -1.03 27.07 9.79
CA ALA B 71 0.01 27.48 10.73
C ALA B 71 -0.02 26.66 12.02
N LYS B 72 -1.19 26.43 12.60
CA LYS B 72 -1.27 25.73 13.87
C LYS B 72 -2.59 24.96 13.97
N VAL B 73 -2.54 23.79 14.59
CA VAL B 73 -3.70 22.94 14.80
C VAL B 73 -4.08 23.00 16.28
N PHE B 74 -5.35 23.28 16.55
CA PHE B 74 -5.88 23.35 17.92
C PHE B 74 -6.93 22.26 18.09
N LYS B 75 -6.49 21.05 18.45
CA LYS B 75 -7.42 19.96 18.77
C LYS B 75 -7.99 20.21 20.17
N ASN B 76 -9.30 20.13 20.30
CA ASN B 76 -9.87 20.28 21.63
C ASN B 76 -9.28 19.24 22.57
N SER B 77 -8.63 19.69 23.65
CA SER B 77 -7.95 18.72 24.51
C SER B 77 -8.91 17.77 25.20
N LYS B 78 -10.20 18.07 25.19
CA LYS B 78 -11.19 17.17 25.78
C LYS B 78 -11.70 16.14 24.78
N TYR B 79 -11.24 16.17 23.51
CA TYR B 79 -11.63 15.14 22.55
C TYR B 79 -11.34 13.76 23.14
N ASN B 80 -12.33 12.91 23.13
CA ASN B 80 -12.22 11.59 23.76
C ASN B 80 -12.11 10.54 22.67
N SER B 81 -10.93 9.94 22.56
N SER B 81 -10.92 9.95 22.51
CA SER B 81 -10.61 9.02 21.49
CA SER B 81 -10.75 9.07 21.37
C SER B 81 -11.25 7.66 21.68
C SER B 81 -11.55 7.78 21.53
N LEU B 82 -12.02 7.47 22.74
CA LEU B 82 -12.76 6.25 22.93
C LEU B 82 -14.24 6.50 22.65
N THR B 83 -14.81 7.58 23.20
CA THR B 83 -16.22 7.81 23.03
C THR B 83 -16.53 8.70 21.83
N ILE B 84 -15.53 9.35 21.24
CA ILE B 84 -15.67 10.29 20.11
C ILE B 84 -16.37 11.58 20.59
N ASN B 85 -16.49 11.77 21.91
CA ASN B 85 -17.08 13.02 22.40
C ASN B 85 -16.11 14.21 22.25
N ASN B 86 -16.70 15.41 22.10
CA ASN B 86 -15.94 16.67 21.93
C ASN B 86 -15.08 16.65 20.67
N ASP B 87 -15.69 16.25 19.55
CA ASP B 87 -14.96 15.95 18.30
C ASP B 87 -14.78 17.23 17.48
N ILE B 88 -13.86 18.10 17.92
CA ILE B 88 -13.68 19.39 17.22
C ILE B 88 -12.23 19.81 17.27
N THR B 89 -11.74 20.34 16.15
CA THR B 89 -10.40 20.90 16.01
C THR B 89 -10.49 22.21 15.23
N LEU B 90 -9.69 23.20 15.61
CA LEU B 90 -9.55 24.44 14.85
C LEU B 90 -8.22 24.46 14.10
N LEU B 91 -8.25 25.00 12.88
CA LEU B 91 -7.04 25.20 12.07
C LEU B 91 -6.85 26.70 11.90
N LYS B 92 -5.68 27.19 12.31
CA LYS B 92 -5.31 28.58 12.09
C LYS B 92 -4.48 28.65 10.82
N LEU B 93 -4.99 29.38 9.82
CA LEU B 93 -4.32 29.45 8.53
C LEU B 93 -3.09 30.33 8.65
N SER B 94 -2.01 29.91 7.98
CA SER B 94 -0.82 30.72 8.00
C SER B 94 -0.96 31.92 7.08
N THR B 95 -1.80 31.81 6.06
CA THR B 95 -2.18 32.96 5.23
C THR B 95 -3.70 33.04 5.16
N ALA B 96 -4.24 34.24 5.34
CA ALA B 96 -5.68 34.43 5.35
C ALA B 96 -6.31 33.98 4.03
N ALA B 97 -7.52 33.42 4.12
CA ALA B 97 -8.31 33.20 2.93
C ALA B 97 -8.70 34.55 2.36
N SER B 98 -8.86 34.60 1.05
CA SER B 98 -9.35 35.81 0.39
C SER B 98 -10.83 35.58 0.09
N PHE B 99 -11.69 36.27 0.84
CA PHE B 99 -13.12 36.05 0.72
C PHE B 99 -13.62 36.63 -0.60
N SER B 100 -14.69 36.05 -1.09
CA SER B 100 -15.13 36.31 -2.47
C SER B 100 -16.51 35.69 -2.64
N GLN B 101 -17.00 35.72 -3.88
CA GLN B 101 -18.27 35.09 -4.21
C GLN B 101 -18.33 33.63 -3.77
N THR B 102 -17.21 32.91 -3.87
CA THR B 102 -17.22 31.47 -3.62
C THR B 102 -16.52 31.08 -2.32
N VAL B 103 -16.01 32.04 -1.53
CA VAL B 103 -15.30 31.76 -0.28
C VAL B 103 -15.77 32.79 0.76
N SER B 104 -16.37 32.32 1.86
CA SER B 104 -16.83 33.23 2.90
C SER B 104 -17.16 32.34 4.11
N ALA B 105 -17.62 32.93 5.21
CA ALA B 105 -17.66 32.21 6.49
C ALA B 105 -19.09 31.80 6.87
N VAL B 106 -19.18 30.66 7.56
CA VAL B 106 -20.44 30.26 8.20
C VAL B 106 -20.56 30.99 9.53
N CYS B 107 -21.80 31.23 9.99
CA CYS B 107 -21.98 31.82 11.31
C CYS B 107 -21.81 30.75 12.39
N LEU B 108 -21.38 31.16 13.52
CA LEU B 108 -21.35 30.28 14.67
C LEU B 108 -22.54 30.55 15.58
N PRO B 109 -23.05 29.52 16.28
CA PRO B 109 -24.17 29.74 17.20
C PRO B 109 -23.67 30.30 18.52
N SER B 110 -24.62 30.81 19.31
CA SER B 110 -24.35 31.07 20.72
C SER B 110 -24.56 29.78 21.52
N ALA B 111 -23.85 29.65 22.63
CA ALA B 111 -23.91 28.42 23.43
C ALA B 111 -25.34 28.10 23.89
N SER B 112 -26.18 29.10 24.02
CA SER B 112 -27.54 28.89 24.51
C SER B 112 -28.56 28.67 23.40
N ASP B 113 -28.15 28.70 22.13
CA ASP B 113 -29.12 28.54 21.05
C ASP B 113 -29.78 27.17 21.11
N ASP B 114 -31.08 27.17 20.89
N ASP B 114 -31.07 27.12 20.81
CA ASP B 114 -31.89 25.97 20.79
CA ASP B 114 -31.82 25.87 20.85
C ASP B 114 -32.29 25.84 19.32
C ASP B 114 -32.47 25.63 19.49
N PHE B 115 -31.85 24.76 18.68
CA PHE B 115 -32.35 24.36 17.38
C PHE B 115 -33.25 23.15 17.59
N ALA B 116 -34.54 23.31 17.31
CA ALA B 116 -35.52 22.32 17.71
C ALA B 116 -35.39 21.04 16.89
N ALA B 117 -35.69 19.91 17.54
CA ALA B 117 -35.82 18.64 16.84
C ALA B 117 -36.80 18.78 15.68
N GLY B 118 -36.47 18.16 14.55
CA GLY B 118 -37.29 18.24 13.37
C GLY B 118 -36.96 19.38 12.46
N THR B 119 -36.18 20.37 12.92
CA THR B 119 -35.67 21.41 12.03
C THR B 119 -34.98 20.77 10.84
N THR B 120 -35.32 21.26 9.65
CA THR B 120 -34.64 20.83 8.43
C THR B 120 -33.34 21.61 8.31
N CYS B 121 -32.22 20.90 8.35
CA CYS B 121 -30.88 21.46 8.21
C CYS B 121 -30.24 20.85 6.96
N VAL B 122 -29.01 21.25 6.68
CA VAL B 122 -28.32 20.77 5.48
C VAL B 122 -26.91 20.38 5.87
N THR B 123 -26.42 19.29 5.28
CA THR B 123 -25.02 18.93 5.40
C THR B 123 -24.44 18.81 3.99
N THR B 124 -23.13 19.08 3.85
CA THR B 124 -22.47 19.11 2.55
C THR B 124 -21.11 18.41 2.64
N GLY B 125 -20.59 17.98 1.49
CA GLY B 125 -19.24 17.43 1.44
C GLY B 125 -19.00 16.56 0.21
N TRP B 126 -17.75 16.13 0.08
CA TRP B 126 -17.32 15.22 -0.96
C TRP B 126 -17.17 13.77 -0.48
N GLY B 127 -17.84 13.38 0.58
CA GLY B 127 -17.78 11.99 0.98
C GLY B 127 -18.47 11.05 0.00
N LEU B 128 -18.18 9.76 0.17
CA LEU B 128 -18.77 8.71 -0.65
C LEU B 128 -20.27 8.91 -0.82
N THR B 129 -20.74 8.60 -2.02
CA THR B 129 -22.18 8.58 -2.29
C THR B 129 -22.76 7.17 -2.21
N ARG B 130 -21.92 6.13 -2.05
CA ARG B 130 -22.31 4.76 -1.73
C ARG B 130 -21.16 4.11 -0.95
N TYR B 131 -21.48 3.31 0.10
CA TYR B 131 -20.42 2.69 0.94
C TYR B 131 -19.91 1.39 0.32
N ALA C 1 -15.22 2.03 -3.30
CA ALA C 1 -15.84 3.16 -4.00
C ALA C 1 -14.98 4.41 -3.86
N ASN C 2 -15.05 5.29 -4.87
CA ASN C 2 -14.37 6.57 -4.88
C ASN C 2 -15.36 7.70 -4.52
N THR C 3 -14.80 8.82 -4.07
CA THR C 3 -15.64 9.96 -3.73
C THR C 3 -16.13 10.68 -5.00
N PRO C 4 -17.27 11.38 -4.92
CA PRO C 4 -17.70 12.22 -6.06
C PRO C 4 -16.72 13.37 -6.29
N ASP C 5 -16.56 13.74 -7.57
CA ASP C 5 -15.79 14.95 -7.88
C ASP C 5 -16.47 16.20 -7.38
N ARG C 6 -17.79 16.30 -7.53
CA ARG C 6 -18.49 17.56 -7.29
C ARG C 6 -19.20 17.58 -5.96
N LEU C 7 -19.16 18.74 -5.32
CA LEU C 7 -19.69 18.90 -3.98
C LEU C 7 -21.15 18.45 -3.89
N GLN C 8 -21.46 17.66 -2.86
CA GLN C 8 -22.82 17.19 -2.61
C GLN C 8 -23.44 17.90 -1.41
N GLN C 9 -24.77 17.81 -1.34
CA GLN C 9 -25.59 18.39 -0.27
C GLN C 9 -26.72 17.42 0.02
N ALA C 10 -27.29 17.54 1.21
CA ALA C 10 -28.52 16.83 1.53
C ALA C 10 -29.22 17.61 2.61
N SER C 11 -30.55 17.72 2.48
CA SER C 11 -31.39 18.20 3.58
C SER C 11 -31.73 17.04 4.51
N LEU C 12 -31.85 17.35 5.80
CA LEU C 12 -32.12 16.28 6.76
C LEU C 12 -32.57 16.90 8.07
N PRO C 13 -33.38 16.21 8.85
CA PRO C 13 -33.88 16.77 10.10
C PRO C 13 -32.96 16.51 11.28
N LEU C 14 -32.93 17.47 12.20
CA LEU C 14 -32.35 17.24 13.51
C LEU C 14 -33.23 16.25 14.28
N LEU C 15 -32.61 15.37 15.06
CA LEU C 15 -33.35 14.46 15.94
C LEU C 15 -33.19 14.88 17.38
N SER C 16 -34.24 14.67 18.16
CA SER C 16 -34.09 14.81 19.60
C SER C 16 -33.11 13.77 20.12
N ASN C 17 -32.42 14.11 21.22
CA ASN C 17 -31.58 13.12 21.89
C ASN C 17 -32.35 11.85 22.22
N THR C 18 -33.57 12.00 22.74
N THR C 18 -33.59 11.98 22.71
CA THR C 18 -34.38 10.83 23.08
CA THR C 18 -34.33 10.79 23.10
C THR C 18 -34.54 9.93 21.87
C THR C 18 -34.70 9.95 21.90
N ASN C 19 -35.01 10.50 20.73
N ASN C 19 -34.97 10.58 20.75
CA ASN C 19 -35.21 9.67 19.56
CA ASN C 19 -35.20 9.79 19.54
C ASN C 19 -33.89 9.11 19.02
C ASN C 19 -33.90 9.14 19.05
N CYS C 20 -32.79 9.88 19.14
CA CYS C 20 -31.52 9.35 18.68
C CYS C 20 -31.04 8.21 19.56
N LYS C 21 -31.26 8.30 20.87
CA LYS C 21 -30.80 7.22 21.74
C LYS C 21 -31.62 5.95 21.58
N LYS C 22 -32.79 6.00 20.91
CA LYS C 22 -33.52 4.77 20.64
C LYS C 22 -32.75 3.86 19.69
N TYR C 23 -31.78 4.40 18.95
CA TYR C 23 -30.87 3.55 18.18
C TYR C 23 -29.50 3.42 18.85
N TRP C 24 -28.87 4.54 19.21
CA TRP C 24 -27.49 4.55 19.69
C TRP C 24 -27.34 4.47 21.21
N GLY C 25 -28.43 4.55 21.97
CA GLY C 25 -28.36 4.38 23.41
C GLY C 25 -27.34 5.30 24.05
N THR C 26 -26.55 4.73 24.95
CA THR C 26 -25.59 5.48 25.74
C THR C 26 -24.34 5.86 24.95
N LYS C 27 -24.25 5.50 23.66
CA LYS C 27 -23.13 6.02 22.88
C LYS C 27 -23.28 7.52 22.58
N ILE C 28 -24.46 8.11 22.77
CA ILE C 28 -24.70 9.52 22.50
C ILE C 28 -24.28 10.34 23.72
N LYS C 29 -23.28 11.18 23.56
CA LYS C 29 -22.72 11.97 24.65
C LYS C 29 -23.14 13.44 24.51
N ASP C 30 -22.74 14.25 25.51
CA ASP C 30 -23.33 15.57 25.69
C ASP C 30 -22.87 16.60 24.66
N ALA C 31 -21.74 16.39 23.97
CA ALA C 31 -21.35 17.26 22.87
C ALA C 31 -21.62 16.61 21.52
N MET C 32 -22.66 15.79 21.43
CA MET C 32 -23.10 15.21 20.18
C MET C 32 -24.54 15.63 19.90
N ILE C 33 -24.86 15.78 18.61
CA ILE C 33 -26.23 16.04 18.18
C ILE C 33 -26.50 15.13 17.00
N CYS C 34 -27.70 14.56 16.94
CA CYS C 34 -28.01 13.63 15.87
C CYS C 34 -28.86 14.31 14.80
N ALA C 35 -28.74 13.81 13.57
CA ALA C 35 -29.53 14.30 12.45
C ALA C 35 -29.56 13.20 11.40
N GLY C 36 -30.60 13.20 10.58
CA GLY C 36 -30.69 12.27 9.48
C GLY C 36 -31.66 11.12 9.78
N ALA C 37 -31.24 9.88 9.51
CA ALA C 37 -32.11 8.70 9.54
C ALA C 37 -33.30 8.86 8.58
N SER C 38 -33.14 9.71 7.58
CA SER C 38 -34.23 10.25 6.79
C SER C 38 -34.09 9.91 5.31
N GLY C 39 -33.27 8.91 4.97
CA GLY C 39 -33.01 8.60 3.58
C GLY C 39 -31.73 9.18 3.02
N VAL C 40 -30.96 9.92 3.82
CA VAL C 40 -29.63 10.39 3.42
C VAL C 40 -28.67 10.04 4.54
N SER C 41 -27.37 10.07 4.21
CA SER C 41 -26.36 9.79 5.23
C SER C 41 -25.04 10.46 4.88
N SER C 42 -24.42 11.11 5.86
CA SER C 42 -23.00 11.43 5.71
C SER C 42 -22.22 10.12 5.58
N CYS C 43 -21.05 10.20 4.95
CA CYS C 43 -20.27 8.97 4.70
C CYS C 43 -18.79 9.35 4.61
N MET C 44 -17.92 8.37 4.31
N MET C 44 -17.94 8.39 4.19
CA MET C 44 -16.49 8.58 4.51
CA MET C 44 -16.49 8.51 4.30
C MET C 44 -15.98 9.65 3.56
C MET C 44 -15.96 9.68 3.47
N GLY C 45 -15.29 10.63 4.12
CA GLY C 45 -14.85 11.83 3.44
C GLY C 45 -15.69 13.05 3.78
N ASP C 46 -16.85 12.86 4.42
CA ASP C 46 -17.65 14.00 4.85
C ASP C 46 -17.21 14.57 6.20
N SER C 47 -16.50 13.78 7.02
CA SER C 47 -16.13 14.21 8.37
C SER C 47 -15.53 15.59 8.41
N GLY C 48 -15.88 16.33 9.47
CA GLY C 48 -15.35 17.64 9.71
C GLY C 48 -16.07 18.72 8.95
N GLY C 49 -16.90 18.36 7.95
CA GLY C 49 -17.71 19.32 7.22
C GLY C 49 -18.91 19.78 8.02
N PRO C 50 -19.73 20.63 7.41
CA PRO C 50 -20.78 21.30 8.18
C PRO C 50 -22.12 20.57 8.15
N LEU C 51 -22.85 20.79 9.25
CA LEU C 51 -24.31 20.63 9.34
C LEU C 51 -24.84 22.01 9.70
N VAL C 52 -25.54 22.69 8.79
CA VAL C 52 -25.95 24.05 9.05
C VAL C 52 -27.48 24.13 9.12
N CYS C 53 -27.96 25.03 9.98
CA CYS C 53 -29.36 25.40 10.03
C CYS C 53 -29.46 26.92 9.95
N LYS C 54 -30.57 27.39 9.39
CA LYS C 54 -30.81 28.84 9.34
C LYS C 54 -31.14 29.38 10.73
N LYS C 55 -30.49 30.49 11.10
CA LYS C 55 -30.83 31.23 12.30
C LYS C 55 -31.01 32.69 11.90
N ASN C 56 -32.26 33.17 11.94
CA ASN C 56 -32.60 34.54 11.52
C ASN C 56 -32.13 34.80 10.10
N GLY C 57 -32.23 33.78 9.25
CA GLY C 57 -31.93 33.89 7.84
C GLY C 57 -30.51 33.53 7.45
N ALA C 58 -29.63 33.34 8.41
CA ALA C 58 -28.21 33.09 8.19
C ALA C 58 -27.88 31.64 8.52
N TRP C 59 -27.18 30.97 7.61
CA TRP C 59 -26.73 29.60 7.84
C TRP C 59 -25.73 29.56 8.99
N THR C 60 -26.01 28.68 9.95
CA THR C 60 -25.27 28.65 11.20
C THR C 60 -24.82 27.24 11.48
N LEU C 61 -23.59 27.10 11.96
CA LEU C 61 -23.00 25.79 12.10
C LEU C 61 -23.54 25.15 13.37
N VAL C 62 -24.42 24.15 13.20
CA VAL C 62 -25.03 23.45 14.33
C VAL C 62 -24.30 22.14 14.60
N GLY C 63 -23.74 21.51 13.56
CA GLY C 63 -23.03 20.25 13.77
C GLY C 63 -21.77 20.16 12.93
N ILE C 64 -20.87 19.28 13.35
CA ILE C 64 -19.71 18.91 12.53
C ILE C 64 -19.80 17.43 12.25
N VAL C 65 -19.73 17.05 10.97
CA VAL C 65 -19.85 15.61 10.63
C VAL C 65 -18.86 14.81 11.48
N SER C 66 -19.35 13.78 12.14
CA SER C 66 -18.48 13.06 13.09
C SER C 66 -18.54 11.54 12.86
N TRP C 67 -19.66 10.88 13.20
CA TRP C 67 -19.68 9.43 13.06
C TRP C 67 -21.10 8.95 12.81
N GLY C 68 -21.22 7.65 12.56
CA GLY C 68 -22.54 7.08 12.38
C GLY C 68 -22.46 5.62 12.02
N SER C 69 -23.52 5.15 11.35
CA SER C 69 -23.59 3.79 10.86
C SER C 69 -22.33 3.40 10.12
N SER C 70 -21.84 2.19 10.38
N SER C 70 -21.82 2.19 10.37
CA SER C 70 -20.57 1.75 9.81
CA SER C 70 -20.54 1.82 9.77
C SER C 70 -20.67 1.48 8.31
C SER C 70 -20.67 1.43 8.30
N THR C 71 -21.89 1.34 7.78
CA THR C 71 -22.12 1.25 6.34
C THR C 71 -22.87 2.46 5.82
N CYS C 72 -22.91 3.56 6.58
CA CYS C 72 -23.56 4.79 6.13
C CYS C 72 -25.03 4.56 5.79
N SER C 73 -25.70 3.75 6.61
CA SER C 73 -27.12 3.48 6.39
C SER C 73 -27.93 4.76 6.45
N THR C 74 -28.86 4.91 5.49
CA THR C 74 -29.68 6.11 5.45
C THR C 74 -30.88 6.01 6.38
N SER C 75 -31.04 4.90 7.09
CA SER C 75 -32.16 4.74 8.01
C SER C 75 -31.74 4.86 9.46
N THR C 76 -30.48 5.18 9.73
N THR C 76 -30.46 5.12 9.74
CA THR C 76 -29.82 5.31 11.03
CA THR C 76 -30.03 5.33 11.11
C THR C 76 -29.49 6.78 11.30
C THR C 76 -29.56 6.76 11.31
N PRO C 77 -29.63 7.27 12.54
CA PRO C 77 -29.22 8.66 12.81
C PRO C 77 -27.73 8.84 12.56
N GLY C 78 -27.38 9.91 11.84
CA GLY C 78 -26.01 10.37 11.81
C GLY C 78 -25.67 11.18 13.05
N VAL C 79 -24.41 11.11 13.50
CA VAL C 79 -24.01 11.81 14.71
C VAL C 79 -23.00 12.88 14.36
N TYR C 80 -23.19 14.05 14.95
CA TYR C 80 -22.42 15.24 14.66
C TYR C 80 -21.95 15.84 15.97
N ALA C 81 -20.79 16.49 15.94
CA ALA C 81 -20.38 17.25 17.12
C ALA C 81 -21.30 18.45 17.27
N ARG C 82 -21.78 18.66 18.49
CA ARG C 82 -22.80 19.66 18.79
C ARG C 82 -22.11 21.00 19.02
N VAL C 83 -22.22 21.91 18.04
CA VAL C 83 -21.40 23.11 18.12
C VAL C 83 -21.81 24.02 19.29
N THR C 84 -23.10 24.09 19.64
CA THR C 84 -23.45 24.89 20.81
C THR C 84 -22.70 24.43 22.07
N ALA C 85 -22.38 23.14 22.18
CA ALA C 85 -21.66 22.63 23.34
C ALA C 85 -20.17 22.91 23.28
N LEU C 86 -19.67 23.34 22.13
CA LEU C 86 -18.25 23.51 21.91
C LEU C 86 -17.90 24.94 21.50
N VAL C 87 -18.89 25.82 21.33
CA VAL C 87 -18.58 27.13 20.78
C VAL C 87 -17.86 28.02 21.80
N ASN C 88 -18.14 27.85 23.10
CA ASN C 88 -17.36 28.61 24.06
C ASN C 88 -15.88 28.27 23.95
N TRP C 89 -15.57 26.98 23.75
CA TRP C 89 -14.18 26.60 23.52
C TRP C 89 -13.65 27.24 22.24
N VAL C 90 -14.50 27.32 21.22
CA VAL C 90 -14.06 27.92 19.97
C VAL C 90 -13.67 29.38 20.21
N GLN C 91 -14.55 30.14 20.88
CA GLN C 91 -14.30 31.58 21.02
C GLN C 91 -13.09 31.83 21.90
N GLN C 92 -12.92 31.04 22.97
CA GLN C 92 -11.75 31.16 23.81
C GLN C 92 -10.47 30.90 23.03
N THR C 93 -10.48 29.88 22.17
CA THR C 93 -9.28 29.57 21.41
C THR C 93 -8.95 30.71 20.45
N LEU C 94 -9.97 31.25 19.75
CA LEU C 94 -9.72 32.40 18.88
C LEU C 94 -9.18 33.58 19.67
N ALA C 95 -9.80 33.88 20.81
CA ALA C 95 -9.41 35.06 21.58
C ALA C 95 -7.96 34.98 22.05
N ALA C 96 -7.49 33.78 22.37
CA ALA C 96 -6.13 33.57 22.86
C ALA C 96 -5.08 33.43 21.76
N ASN C 97 -5.47 33.37 20.48
CA ASN C 97 -4.53 33.10 19.39
C ASN C 97 -4.76 33.99 18.15
N ARG D 1 3.32 -14.36 14.31
CA ARG D 1 3.01 -12.94 14.43
C ARG D 1 1.75 -12.77 15.20
N PRO D 2 1.48 -11.56 15.69
CA PRO D 2 0.24 -11.35 16.46
C PRO D 2 -0.99 -11.68 15.61
N ASP D 3 -1.98 -12.30 16.26
CA ASP D 3 -3.23 -12.64 15.59
C ASP D 3 -3.98 -11.43 15.07
N PHE D 4 -3.78 -10.25 15.66
CA PHE D 4 -4.50 -9.09 15.14
C PHE D 4 -4.10 -8.83 13.68
N CYS D 5 -2.93 -9.32 13.27
CA CYS D 5 -2.45 -9.17 11.89
C CYS D 5 -3.35 -9.88 10.88
N LEU D 6 -4.15 -10.81 11.34
CA LEU D 6 -5.01 -11.62 10.48
C LEU D 6 -6.43 -11.07 10.40
N GLU D 7 -6.75 -9.99 11.15
CA GLU D 7 -8.09 -9.41 11.09
C GLU D 7 -8.23 -8.55 9.83
N PRO D 8 -9.39 -8.60 9.18
CA PRO D 8 -9.64 -7.72 8.04
C PRO D 8 -9.56 -6.26 8.48
N PRO D 9 -9.27 -5.35 7.55
CA PRO D 9 -9.19 -3.92 7.90
C PRO D 9 -10.53 -3.39 8.41
N TYR D 10 -10.46 -2.41 9.31
CA TYR D 10 -11.63 -1.91 10.03
C TYR D 10 -11.71 -0.42 9.81
N THR D 11 -12.73 0.03 9.08
N THR D 11 -12.76 0.02 9.08
CA THR D 11 -12.88 1.46 8.83
CA THR D 11 -12.97 1.44 8.77
C THR D 11 -13.43 2.18 10.05
C THR D 11 -13.48 2.18 9.99
N GLY D 12 -14.34 1.53 10.78
CA GLY D 12 -14.81 2.08 12.04
C GLY D 12 -15.94 3.04 11.76
N PRO D 13 -16.47 3.70 12.79
CA PRO D 13 -17.69 4.50 12.60
C PRO D 13 -17.50 5.96 12.19
N CYS D 14 -16.29 6.52 12.24
CA CYS D 14 -16.15 7.94 11.95
C CYS D 14 -16.12 8.13 10.45
C 3EG D 15 -15.48 10.22 7.81
N 3EG D 15 -16.36 9.35 9.98
O 3EG D 15 -15.66 10.91 6.78
CA 3EG D 15 -16.62 9.59 8.60
CB 3EG D 15 -17.83 10.53 8.43
FAC 3EG D 15 -20.20 10.36 8.30
FAD 3EG D 15 -19.07 8.68 7.64
FAE 3EG D 15 -19.29 9.02 9.80
CG 3EG D 15 -19.08 9.67 8.57
N ALA D 16 -14.26 10.03 8.31
CA ALA D 16 -13.09 10.56 7.56
C ALA D 16 -12.71 9.60 6.44
N ARG D 17 -11.70 9.99 5.64
N ARG D 17 -11.71 9.98 5.62
CA ARG D 17 -11.20 9.15 4.55
CA ARG D 17 -11.22 9.09 4.57
C ARG D 17 -9.67 9.18 4.64
C ARG D 17 -9.70 9.14 4.61
N ILE D 18 -9.12 8.43 5.58
CA ILE D 18 -7.71 8.52 5.90
C ILE D 18 -7.01 7.26 5.41
N ILE D 19 -5.91 7.43 4.66
CA ILE D 19 -5.23 6.27 4.09
C ILE D 19 -4.40 5.58 5.19
N ARG D 20 -4.61 4.27 5.39
CA ARG D 20 -3.82 3.53 6.36
C ARG D 20 -3.37 2.22 5.71
N TYR D 21 -2.52 1.48 6.42
CA TYR D 21 -2.00 0.21 5.96
C TYR D 21 -2.49 -0.90 6.88
N PHE D 22 -2.81 -2.05 6.28
CA PHE D 22 -3.15 -3.24 7.05
C PHE D 22 -2.40 -4.41 6.42
N TYR D 23 -2.07 -5.38 7.25
CA TYR D 23 -1.44 -6.59 6.74
C TYR D 23 -2.48 -7.51 6.15
N ASN D 24 -2.23 -7.96 4.93
CA ASN D 24 -3.13 -8.88 4.25
C ASN D 24 -2.47 -10.26 4.25
N ALA D 25 -2.89 -11.12 5.20
CA ALA D 25 -2.26 -12.44 5.33
C ALA D 25 -2.44 -13.30 4.08
N LYS D 26 -3.49 -13.05 3.32
CA LYS D 26 -3.72 -13.81 2.10
C LYS D 26 -2.66 -13.52 1.06
N ALA D 27 -2.23 -12.25 0.95
CA ALA D 27 -1.16 -11.89 0.03
C ALA D 27 0.23 -11.89 0.66
N GLY D 28 0.35 -11.88 1.99
CA GLY D 28 1.68 -11.83 2.57
C GLY D 28 2.33 -10.46 2.59
N LEU D 29 1.56 -9.38 2.45
CA LEU D 29 2.17 -8.06 2.59
C LEU D 29 1.11 -7.06 3.00
N CYS D 30 1.56 -5.82 3.28
CA CYS D 30 0.65 -4.76 3.70
C CYS D 30 0.03 -4.03 2.49
N GLN D 31 -1.21 -3.65 2.65
N GLN D 31 -1.20 -3.60 2.69
CA GLN D 31 -1.97 -2.98 1.60
CA GLN D 31 -2.02 -3.01 1.64
C GLN D 31 -2.58 -1.73 2.22
C GLN D 31 -2.71 -1.79 2.24
N THR D 32 -3.04 -0.82 1.38
CA THR D 32 -3.70 0.39 1.84
C THR D 32 -5.19 0.15 1.97
N PHE D 33 -5.82 0.96 2.83
CA PHE D 33 -7.26 0.96 2.96
C PHE D 33 -7.62 2.32 3.50
N VAL D 34 -8.90 2.62 3.45
CA VAL D 34 -9.42 3.90 3.93
C VAL D 34 -10.01 3.68 5.34
N TYR D 35 -9.48 4.44 6.30
CA TYR D 35 -9.87 4.40 7.72
C TYR D 35 -10.74 5.61 8.04
N GLY D 36 -11.82 5.39 8.78
CA GLY D 36 -12.77 6.44 9.15
C GLY D 36 -12.25 7.45 10.16
N GLY D 37 -11.10 7.19 10.81
CA GLY D 37 -10.47 8.16 11.69
C GLY D 37 -10.68 7.91 13.18
N CYS D 38 -11.54 6.96 13.57
CA CYS D 38 -11.65 6.69 15.01
C CYS D 38 -11.84 5.19 15.29
N ARG D 39 -11.39 4.78 16.48
CA ARG D 39 -11.61 3.40 16.95
C ARG D 39 -10.86 2.39 16.09
N ALA D 40 -9.65 2.76 15.65
CA ALA D 40 -8.79 1.83 14.91
C ALA D 40 -8.68 0.49 15.62
N LYS D 41 -8.64 -0.61 14.85
CA LYS D 41 -8.12 -1.86 15.37
C LYS D 41 -6.59 -1.87 15.23
N ARG D 42 -5.93 -2.92 15.73
CA ARG D 42 -4.47 -2.89 15.73
C ARG D 42 -3.83 -3.16 14.36
N ASN D 43 -4.53 -3.82 13.43
CA ASN D 43 -4.02 -4.03 12.08
C ASN D 43 -4.31 -2.75 11.27
N ASN D 44 -3.63 -1.67 11.66
CA ASN D 44 -3.92 -0.35 11.11
C ASN D 44 -2.67 0.45 11.40
N PHE D 45 -1.90 0.79 10.36
CA PHE D 45 -0.59 1.43 10.53
C PHE D 45 -0.49 2.67 9.65
N LYS D 46 0.35 3.61 10.08
CA LYS D 46 0.55 4.83 9.30
C LYS D 46 1.55 4.68 8.17
N SER D 47 2.35 3.61 8.13
CA SER D 47 3.21 3.37 6.98
C SER D 47 3.28 1.89 6.71
N ALA D 48 3.67 1.56 5.47
CA ALA D 48 3.87 0.18 5.08
C ALA D 48 4.98 -0.44 5.90
N GLU D 49 6.00 0.36 6.22
CA GLU D 49 7.12 -0.19 6.97
C GLU D 49 6.71 -0.57 8.40
N ASP D 50 5.95 0.30 9.09
CA ASP D 50 5.47 -0.10 10.43
C ASP D 50 4.68 -1.37 10.34
N CYS D 51 3.83 -1.47 9.31
CA CYS D 51 2.94 -2.61 9.13
C CYS D 51 3.73 -3.91 8.94
N MET D 52 4.76 -3.87 8.09
CA MET D 52 5.53 -5.07 7.79
C MET D 52 6.44 -5.45 8.94
N ARG D 53 6.98 -4.46 9.66
CA ARG D 53 7.78 -4.77 10.85
C ARG D 53 6.93 -5.41 11.94
N THR D 54 5.64 -5.13 11.97
CA THR D 54 4.77 -5.64 13.04
C THR D 54 4.08 -6.93 12.63
N CYS D 55 3.76 -7.10 11.34
CA CYS D 55 2.94 -8.23 10.92
C CYS D 55 3.56 -9.06 9.82
N GLY D 56 4.74 -8.69 9.30
CA GLY D 56 5.30 -9.37 8.13
C GLY D 56 5.40 -10.87 8.36
N GLY D 57 4.86 -11.69 7.44
CA GLY D 57 4.93 -13.13 7.60
C GLY D 57 3.83 -13.79 8.42
N ALA D 58 2.92 -13.03 9.03
CA ALA D 58 1.77 -13.65 9.68
C ALA D 58 0.96 -14.47 8.65
N CYS E 1 33.19 -26.62 -2.31
CA CYS E 1 31.89 -26.28 -2.84
C CYS E 1 31.09 -27.46 -3.38
N GLY E 2 29.79 -27.19 -3.58
CA GLY E 2 28.87 -28.05 -4.29
C GLY E 2 28.55 -29.38 -3.64
N VAL E 3 28.99 -29.63 -2.40
CA VAL E 3 28.69 -30.91 -1.77
C VAL E 3 27.99 -30.68 -0.44
N PRO E 4 26.65 -30.71 -0.42
CA PRO E 4 25.93 -30.41 0.82
C PRO E 4 26.24 -31.41 1.91
N ALA E 5 26.34 -30.89 3.13
CA ALA E 5 26.47 -31.74 4.30
C ALA E 5 25.22 -32.59 4.51
N ILE E 6 24.04 -32.06 4.17
CA ILE E 6 22.78 -32.78 4.19
C ILE E 6 22.42 -33.06 2.75
N GLN E 7 22.36 -34.33 2.38
CA GLN E 7 22.24 -34.69 0.97
C GLN E 7 20.82 -34.40 0.46
N PRO E 8 20.67 -33.73 -0.68
CA PRO E 8 19.31 -33.52 -1.19
C PRO E 8 18.69 -34.83 -1.66
N VAL E 9 17.36 -34.91 -1.49
CA VAL E 9 16.56 -36.02 -1.97
C VAL E 9 15.56 -35.47 -2.99
N LEU E 10 15.64 -35.97 -4.21
CA LEU E 10 14.79 -35.57 -5.32
C LEU E 10 13.80 -36.68 -5.64
N SER E 11 12.64 -36.31 -6.15
CA SER E 11 11.63 -37.32 -6.52
C SER E 11 11.48 -37.41 -8.03
N ILE F 1 8.21 -21.90 -6.93
CA ILE F 1 8.24 -23.03 -7.87
C ILE F 1 6.87 -23.67 -7.91
N VAL F 2 6.30 -23.73 -9.11
CA VAL F 2 5.01 -24.35 -9.31
C VAL F 2 5.26 -25.83 -9.56
N ASN F 3 4.57 -26.68 -8.79
N ASN F 3 4.56 -26.68 -8.79
CA ASN F 3 4.58 -28.14 -8.93
CA ASN F 3 4.59 -28.14 -8.94
C ASN F 3 5.94 -28.74 -8.59
C ASN F 3 5.93 -28.75 -8.58
N GLY F 4 6.72 -28.06 -7.77
CA GLY F 4 7.95 -28.62 -7.24
C GLY F 4 7.60 -29.44 -6.02
N GLU F 5 8.53 -29.54 -5.09
CA GLU F 5 8.25 -30.26 -3.87
C GLU F 5 9.13 -29.69 -2.76
N GLU F 6 8.76 -29.99 -1.52
CA GLU F 6 9.52 -29.51 -0.38
C GLU F 6 10.94 -30.09 -0.39
N ALA F 7 11.94 -29.24 -0.17
CA ALA F 7 13.31 -29.73 -0.04
C ALA F 7 13.51 -30.39 1.31
N VAL F 8 14.48 -31.28 1.37
CA VAL F 8 14.98 -31.74 2.69
C VAL F 8 15.62 -30.56 3.39
N PRO F 9 15.28 -30.27 4.65
CA PRO F 9 15.78 -29.06 5.31
C PRO F 9 17.30 -28.95 5.25
N GLY F 10 17.79 -27.80 4.81
CA GLY F 10 19.21 -27.57 4.76
C GLY F 10 19.95 -28.28 3.64
N SER F 11 19.26 -29.06 2.79
CA SER F 11 20.00 -29.79 1.76
C SER F 11 20.46 -28.91 0.59
N TRP F 12 20.09 -27.63 0.54
CA TRP F 12 20.56 -26.73 -0.53
C TRP F 12 21.28 -25.55 0.13
N PRO F 13 22.46 -25.78 0.73
CA PRO F 13 23.00 -24.83 1.72
C PRO F 13 23.54 -23.56 1.12
N TRP F 14 23.67 -23.47 -0.21
CA TRP F 14 24.03 -22.22 -0.83
C TRP F 14 22.84 -21.31 -1.10
N GLN F 15 21.61 -21.82 -0.97
CA GLN F 15 20.41 -21.02 -1.24
C GLN F 15 20.26 -19.95 -0.16
N VAL F 16 20.24 -18.70 -0.54
CA VAL F 16 19.95 -17.65 0.42
C VAL F 16 18.63 -16.99 0.06
N SER F 17 18.09 -16.27 1.03
CA SER F 17 16.93 -15.43 0.84
C SER F 17 17.38 -13.98 0.95
N LEU F 18 16.98 -13.16 -0.03
CA LEU F 18 17.28 -11.74 0.00
C LEU F 18 16.03 -11.05 0.53
N GLN F 19 16.20 -10.25 1.58
CA GLN F 19 15.08 -9.68 2.28
C GLN F 19 15.31 -8.18 2.42
N ASP F 20 14.20 -7.42 2.47
CA ASP F 20 14.34 -6.03 2.85
C ASP F 20 14.55 -5.94 4.37
N LYS F 21 14.73 -4.72 4.85
CA LYS F 21 15.01 -4.48 6.25
C LYS F 21 13.90 -4.97 7.17
N THR F 22 12.68 -5.20 6.65
CA THR F 22 11.60 -5.68 7.50
C THR F 22 11.51 -7.21 7.51
N GLY F 23 12.36 -7.91 6.75
CA GLY F 23 12.25 -9.35 6.62
C GLY F 23 11.44 -9.85 5.44
N PHE F 24 11.01 -8.97 4.52
CA PHE F 24 10.20 -9.44 3.38
C PHE F 24 11.10 -10.08 2.33
N HIS F 25 10.78 -11.32 1.93
CA HIS F 25 11.59 -12.04 0.94
C HIS F 25 11.21 -11.58 -0.48
N PHE F 26 12.18 -11.05 -1.24
CA PHE F 26 11.88 -10.57 -2.60
C PHE F 26 12.65 -11.29 -3.71
N CYS F 27 13.70 -12.03 -3.39
CA CYS F 27 14.52 -12.75 -4.37
C CYS F 27 15.31 -13.81 -3.62
N GLY F 28 15.82 -14.79 -4.37
CA GLY F 28 16.82 -15.71 -3.86
C GLY F 28 18.22 -15.37 -4.36
N GLY F 29 19.18 -16.20 -3.96
CA GLY F 29 20.55 -16.04 -4.40
C GLY F 29 21.35 -17.27 -4.00
N SER F 30 22.62 -17.32 -4.42
CA SER F 30 23.50 -18.45 -4.11
C SER F 30 24.84 -17.97 -3.55
N LEU F 31 25.22 -18.51 -2.38
CA LEU F 31 26.58 -18.34 -1.88
C LEU F 31 27.58 -18.96 -2.84
N ILE F 32 28.59 -18.19 -3.24
CA ILE F 32 29.71 -18.74 -3.98
C ILE F 32 30.98 -18.78 -3.16
N ASN F 33 31.04 -18.07 -2.04
CA ASN F 33 32.07 -18.26 -1.03
C ASN F 33 31.57 -17.55 0.21
N GLU F 34 32.44 -17.39 1.21
N GLU F 34 32.44 -17.40 1.22
CA GLU F 34 32.00 -16.87 2.49
CA GLU F 34 32.00 -16.86 2.51
C GLU F 34 31.64 -15.38 2.44
C GLU F 34 31.60 -15.38 2.42
N ASN F 35 32.11 -14.65 1.42
CA ASN F 35 31.86 -13.22 1.32
C ASN F 35 30.99 -12.81 0.14
N TRP F 36 30.57 -13.74 -0.72
CA TRP F 36 29.92 -13.33 -1.96
C TRP F 36 28.71 -14.18 -2.29
N VAL F 37 27.65 -13.49 -2.75
CA VAL F 37 26.42 -14.10 -3.21
C VAL F 37 26.21 -13.67 -4.66
N VAL F 38 25.79 -14.60 -5.50
CA VAL F 38 25.36 -14.29 -6.86
C VAL F 38 23.84 -14.36 -6.93
N THR F 39 23.25 -13.38 -7.61
CA THR F 39 21.79 -13.25 -7.73
C THR F 39 21.51 -12.60 -9.08
N ALA F 40 20.26 -12.23 -9.31
CA ALA F 40 19.85 -11.65 -10.60
C ALA F 40 19.95 -10.14 -10.53
N ALA F 41 20.29 -9.49 -11.68
CA ALA F 41 20.34 -8.03 -11.70
C ALA F 41 18.95 -7.42 -11.53
N HIS F 42 17.91 -8.06 -12.08
CA HIS F 42 16.61 -7.40 -11.97
C HIS F 42 16.05 -7.45 -10.54
N CYS F 43 16.66 -8.24 -9.63
CA CYS F 43 16.22 -8.18 -8.24
C CYS F 43 16.44 -6.79 -7.63
N GLY F 44 17.32 -5.98 -8.21
CA GLY F 44 17.50 -4.61 -7.70
C GLY F 44 18.00 -4.51 -6.27
N VAL F 45 18.90 -5.41 -5.87
CA VAL F 45 19.37 -5.42 -4.47
C VAL F 45 20.14 -4.12 -4.16
N THR F 46 19.95 -3.59 -2.93
CA THR F 46 20.76 -2.49 -2.41
C THR F 46 21.38 -2.87 -1.08
N THR F 47 22.28 -2.00 -0.59
CA THR F 47 22.97 -2.27 0.67
C THR F 47 22.05 -2.21 1.90
N SER F 48 20.79 -1.79 1.73
CA SER F 48 19.82 -1.84 2.81
C SER F 48 19.16 -3.20 2.95
N ASP F 49 19.29 -4.06 1.95
CA ASP F 49 18.75 -5.40 1.98
C ASP F 49 19.72 -6.33 2.69
N VAL F 50 19.23 -7.50 3.08
CA VAL F 50 20.05 -8.44 3.82
C VAL F 50 19.98 -9.81 3.17
N VAL F 51 21.07 -10.55 3.30
CA VAL F 51 21.19 -11.92 2.84
C VAL F 51 20.91 -12.81 4.04
N VAL F 52 19.89 -13.65 3.96
CA VAL F 52 19.56 -14.59 5.04
C VAL F 52 20.02 -15.97 4.59
N ALA F 53 21.01 -16.54 5.28
CA ALA F 53 21.58 -17.84 4.95
C ALA F 53 21.15 -18.87 5.99
N GLY F 54 21.13 -20.13 5.58
CA GLY F 54 20.80 -21.22 6.48
C GLY F 54 19.32 -21.41 6.72
N GLU F 55 18.47 -20.81 5.91
CA GLU F 55 17.03 -20.86 6.15
C GLU F 55 16.39 -22.09 5.50
N PHE F 56 15.32 -22.56 6.13
CA PHE F 56 14.45 -23.57 5.53
C PHE F 56 13.02 -23.07 5.57
N ASP F 57 12.54 -22.75 6.76
CA ASP F 57 11.15 -22.46 7.02
C ASP F 57 11.08 -20.98 7.36
N GLN F 58 10.63 -20.17 6.39
CA GLN F 58 10.54 -18.73 6.62
C GLN F 58 9.45 -18.39 7.61
N GLY F 59 8.54 -19.31 7.90
CA GLY F 59 7.57 -19.09 8.95
C GLY F 59 7.99 -19.52 10.35
N SER F 60 9.22 -20.01 10.52
CA SER F 60 9.72 -20.45 11.83
C SER F 60 10.63 -19.38 12.42
N SER F 61 10.23 -18.82 13.55
CA SER F 61 11.04 -17.79 14.19
C SER F 61 12.22 -18.37 14.97
N SER F 62 12.26 -19.68 15.18
CA SER F 62 13.26 -20.33 16.00
C SER F 62 14.42 -20.95 15.21
N GLU F 63 14.31 -21.07 13.90
CA GLU F 63 15.39 -21.63 13.08
C GLU F 63 16.69 -20.84 13.25
N LYS F 64 17.82 -21.55 13.19
CA LYS F 64 19.13 -20.93 13.32
C LYS F 64 19.61 -20.46 11.95
N ILE F 65 19.48 -19.15 11.68
CA ILE F 65 19.86 -18.58 10.40
C ILE F 65 20.96 -17.56 10.62
N GLN F 66 21.61 -17.16 9.54
CA GLN F 66 22.57 -16.07 9.56
C GLN F 66 22.04 -14.91 8.74
N LYS F 67 21.77 -13.78 9.40
N LYS F 67 21.73 -13.80 9.41
CA LYS F 67 21.35 -12.57 8.73
CA LYS F 67 21.36 -12.57 8.74
C LYS F 67 22.59 -11.73 8.46
C LYS F 67 22.64 -11.78 8.46
N LEU F 68 22.93 -11.53 7.19
CA LEU F 68 24.21 -10.96 6.78
C LEU F 68 23.99 -9.65 6.03
N LYS F 69 24.61 -8.59 6.53
CA LYS F 69 24.51 -7.29 5.87
C LYS F 69 25.34 -7.29 4.59
N ILE F 70 24.93 -6.44 3.67
CA ILE F 70 25.55 -6.32 2.36
C ILE F 70 26.46 -5.09 2.38
N ALA F 71 27.74 -5.29 2.05
CA ALA F 71 28.69 -4.18 1.99
C ALA F 71 28.59 -3.40 0.67
N LYS F 72 28.57 -4.08 -0.47
CA LYS F 72 28.53 -3.42 -1.77
C LYS F 72 27.83 -4.32 -2.77
N VAL F 73 27.09 -3.69 -3.70
CA VAL F 73 26.36 -4.36 -4.76
C VAL F 73 27.07 -4.14 -6.09
N PHE F 74 27.35 -5.21 -6.83
CA PHE F 74 28.03 -5.17 -8.13
C PHE F 74 27.08 -5.68 -9.22
N LYS F 75 26.25 -4.78 -9.75
CA LYS F 75 25.41 -5.13 -10.87
C LYS F 75 26.24 -5.16 -12.15
N ASN F 76 26.10 -6.21 -12.93
CA ASN F 76 26.79 -6.29 -14.21
C ASN F 76 26.39 -5.10 -15.09
N SER F 77 27.37 -4.29 -15.50
CA SER F 77 27.04 -3.06 -16.23
C SER F 77 26.42 -3.35 -17.58
N LYS F 78 26.54 -4.57 -18.08
CA LYS F 78 25.91 -4.97 -19.33
C LYS F 78 24.49 -5.48 -19.17
N TYR F 79 23.97 -5.55 -17.94
CA TYR F 79 22.58 -5.94 -17.77
C TYR F 79 21.69 -5.06 -18.63
N ASN F 80 20.84 -5.68 -19.44
CA ASN F 80 20.02 -4.94 -20.39
C ASN F 80 18.60 -4.91 -19.85
N SER F 81 18.15 -3.73 -19.44
CA SER F 81 16.89 -3.63 -18.76
C SER F 81 15.71 -3.70 -19.72
N LEU F 82 15.96 -3.73 -21.04
CA LEU F 82 14.88 -3.95 -21.99
C LEU F 82 14.78 -5.42 -22.39
N THR F 83 15.92 -6.05 -22.72
CA THR F 83 15.91 -7.42 -23.17
C THR F 83 16.12 -8.40 -22.02
N ILE F 84 16.52 -7.94 -20.83
CA ILE F 84 16.81 -8.80 -19.66
C ILE F 84 18.07 -9.63 -19.87
N ASN F 85 18.87 -9.32 -20.89
CA ASN F 85 20.12 -10.07 -21.05
C ASN F 85 21.17 -9.64 -20.01
N ASN F 86 22.08 -10.58 -19.69
CA ASN F 86 23.17 -10.35 -18.71
C ASN F 86 22.62 -10.08 -17.30
N ASP F 87 21.68 -10.93 -16.89
CA ASP F 87 20.89 -10.70 -15.66
C ASP F 87 21.61 -11.30 -14.44
N ILE F 88 22.67 -10.63 -14.00
CA ILE F 88 23.50 -11.11 -12.90
C ILE F 88 24.00 -9.93 -12.08
N THR F 89 23.97 -10.10 -10.76
CA THR F 89 24.52 -9.15 -9.80
C THR F 89 25.29 -9.93 -8.74
N LEU F 90 26.44 -9.39 -8.31
CA LEU F 90 27.18 -9.94 -7.17
C LEU F 90 26.96 -9.06 -5.94
N LEU F 91 26.80 -9.71 -4.78
CA LEU F 91 26.70 -9.01 -3.50
C LEU F 91 27.92 -9.36 -2.67
N LYS F 92 28.66 -8.34 -2.23
CA LYS F 92 29.80 -8.53 -1.34
C LYS F 92 29.32 -8.28 0.08
N LEU F 93 29.39 -9.33 0.90
CA LEU F 93 28.87 -9.29 2.27
C LEU F 93 29.78 -8.47 3.17
N SER F 94 29.18 -7.70 4.07
CA SER F 94 29.96 -6.92 5.04
C SER F 94 30.46 -7.79 6.19
N THR F 95 29.80 -8.89 6.49
CA THR F 95 30.33 -9.89 7.41
C THR F 95 30.29 -11.25 6.73
N ALA F 96 31.37 -12.02 6.84
CA ALA F 96 31.42 -13.32 6.21
C ALA F 96 30.34 -14.25 6.75
N ALA F 97 29.82 -15.10 5.86
CA ALA F 97 29.02 -16.24 6.29
C ALA F 97 29.92 -17.23 7.01
N SER F 98 29.33 -17.95 7.97
N SER F 98 29.34 -17.96 7.97
CA SER F 98 30.02 -19.02 8.70
CA SER F 98 30.01 -19.02 8.71
C SER F 98 29.51 -20.35 8.14
C SER F 98 29.52 -20.36 8.15
N PHE F 99 30.40 -21.09 7.47
CA PHE F 99 29.97 -22.31 6.81
C PHE F 99 29.67 -23.39 7.82
N SER F 100 28.76 -24.27 7.45
CA SER F 100 28.22 -25.19 8.44
C SER F 100 27.41 -26.25 7.70
N GLN F 101 26.79 -27.12 8.49
CA GLN F 101 25.90 -28.12 7.94
C GLN F 101 24.90 -27.53 6.97
N THR F 102 24.40 -26.33 7.27
CA THR F 102 23.31 -25.73 6.51
C THR F 102 23.74 -24.52 5.69
N VAL F 103 25.02 -24.16 5.70
CA VAL F 103 25.51 -22.98 4.98
C VAL F 103 26.83 -23.34 4.30
N SER F 104 26.88 -23.25 2.98
CA SER F 104 28.10 -23.55 2.24
C SER F 104 27.87 -23.08 0.81
N ALA F 105 28.86 -23.28 -0.05
CA ALA F 105 28.92 -22.63 -1.37
C ALA F 105 28.61 -23.59 -2.50
N VAL F 106 28.00 -23.04 -3.57
CA VAL F 106 27.84 -23.77 -4.83
C VAL F 106 29.12 -23.61 -5.64
N CYS F 107 29.42 -24.59 -6.50
CA CYS F 107 30.56 -24.42 -7.39
C CYS F 107 30.18 -23.56 -8.57
N LEU F 108 31.15 -22.86 -9.10
CA LEU F 108 31.00 -22.11 -10.32
C LEU F 108 31.60 -22.88 -11.49
N PRO F 109 31.04 -22.79 -12.68
CA PRO F 109 31.64 -23.48 -13.83
C PRO F 109 32.77 -22.64 -14.43
N SER F 110 33.47 -23.25 -15.38
N SER F 110 33.46 -23.25 -15.38
CA SER F 110 34.36 -22.51 -16.27
CA SER F 110 34.35 -22.52 -16.27
C SER F 110 33.57 -22.10 -17.51
C SER F 110 33.56 -22.10 -17.51
N ALA F 111 34.03 -21.03 -18.16
CA ALA F 111 33.28 -20.42 -19.25
C ALA F 111 33.07 -21.39 -20.42
N SER F 112 33.99 -22.32 -20.61
CA SER F 112 33.89 -23.26 -21.72
C SER F 112 33.14 -24.54 -21.33
N ASP F 113 32.70 -24.66 -20.08
CA ASP F 113 31.97 -25.86 -19.69
C ASP F 113 30.72 -26.00 -20.54
N ASP F 114 30.42 -27.22 -20.95
CA ASP F 114 29.23 -27.50 -21.73
C ASP F 114 28.33 -28.43 -20.94
N PHE F 115 27.07 -28.03 -20.78
CA PHE F 115 26.05 -28.83 -20.13
C PHE F 115 25.01 -29.16 -21.19
N ALA F 116 24.86 -30.45 -21.47
CA ALA F 116 24.08 -30.91 -22.61
C ALA F 116 22.61 -30.59 -22.43
N ALA F 117 21.96 -30.27 -23.55
CA ALA F 117 20.50 -30.20 -23.57
C ALA F 117 19.92 -31.52 -23.05
N GLY F 118 18.86 -31.42 -22.27
CA GLY F 118 18.21 -32.58 -21.70
C GLY F 118 18.76 -33.03 -20.36
N THR F 119 19.94 -32.55 -19.96
CA THR F 119 20.46 -32.84 -18.62
C THR F 119 19.43 -32.46 -17.55
N THR F 120 19.19 -33.39 -16.63
CA THR F 120 18.30 -33.11 -15.52
C THR F 120 19.05 -32.29 -14.47
N CYS F 121 18.59 -31.06 -14.26
CA CYS F 121 19.16 -30.14 -13.29
C CYS F 121 18.10 -29.83 -12.24
N VAL F 122 18.45 -28.99 -11.28
CA VAL F 122 17.54 -28.68 -10.18
C VAL F 122 17.53 -27.18 -9.98
N THR F 123 16.35 -26.63 -9.66
CA THR F 123 16.22 -25.25 -9.21
C THR F 123 15.46 -25.21 -7.89
N THR F 124 15.76 -24.20 -7.06
CA THR F 124 15.19 -24.15 -5.70
C THR F 124 14.74 -22.72 -5.39
N GLY F 125 13.84 -22.59 -4.41
CA GLY F 125 13.50 -21.27 -3.95
C GLY F 125 12.20 -21.24 -3.18
N TRP F 126 11.90 -20.06 -2.65
CA TRP F 126 10.63 -19.82 -1.97
C TRP F 126 9.65 -19.04 -2.85
N GLY F 127 9.77 -19.11 -4.19
CA GLY F 127 8.79 -18.46 -5.05
C GLY F 127 7.41 -19.11 -4.96
N LEU F 128 6.41 -18.40 -5.50
CA LEU F 128 5.03 -18.89 -5.51
C LEU F 128 4.94 -20.34 -5.97
N THR F 129 4.05 -21.11 -5.33
CA THR F 129 3.74 -22.45 -5.84
C THR F 129 2.48 -22.43 -6.72
N ARG F 130 1.79 -21.30 -6.81
CA ARG F 130 0.67 -21.08 -7.73
C ARG F 130 0.60 -19.59 -8.09
N TYR F 131 0.32 -19.26 -9.36
CA TYR F 131 0.29 -17.84 -9.77
C TYR F 131 -1.09 -17.21 -9.50
N ALA G 1 -1.56 -16.64 -3.46
CA ALA G 1 -0.89 -15.40 -3.79
C ALA G 1 0.27 -15.17 -2.83
N ASN G 2 0.35 -15.95 -1.75
CA ASN G 2 1.49 -15.89 -0.86
C ASN G 2 2.50 -17.01 -1.18
N THR G 3 3.77 -16.77 -0.80
CA THR G 3 4.86 -17.72 -1.01
C THR G 3 4.80 -18.88 0.00
N PRO G 4 5.35 -20.06 -0.34
CA PRO G 4 5.47 -21.13 0.66
C PRO G 4 6.44 -20.74 1.76
N ASP G 5 6.17 -21.19 2.98
CA ASP G 5 7.13 -21.00 4.06
C ASP G 5 8.40 -21.80 3.83
N ARG G 6 8.27 -23.01 3.30
N ARG G 6 8.27 -23.02 3.32
CA ARG G 6 9.39 -23.96 3.28
CA ARG G 6 9.36 -23.99 3.29
C ARG G 6 9.98 -24.08 1.89
C ARG G 6 9.98 -24.08 1.89
N LEU G 7 11.31 -24.12 1.85
CA LEU G 7 12.04 -24.12 0.59
C LEU G 7 11.58 -25.24 -0.32
N GLN G 8 11.36 -24.91 -1.58
CA GLN G 8 10.92 -25.87 -2.58
C GLN G 8 12.05 -26.19 -3.55
N GLN G 9 11.87 -27.28 -4.28
CA GLN G 9 12.84 -27.72 -5.28
C GLN G 9 12.07 -28.33 -6.42
N ALA G 10 12.72 -28.40 -7.59
CA ALA G 10 12.16 -29.13 -8.72
C ALA G 10 13.29 -29.58 -9.61
N SER G 11 13.20 -30.81 -10.12
CA SER G 11 14.08 -31.29 -11.18
C SER G 11 13.51 -30.91 -12.54
N LEU G 12 14.39 -30.62 -13.49
CA LEU G 12 13.90 -30.16 -14.75
C LEU G 12 15.02 -30.23 -15.77
N PRO G 13 14.70 -30.42 -17.05
CA PRO G 13 15.74 -30.54 -18.08
C PRO G 13 16.22 -29.20 -18.65
N LEU G 14 17.50 -29.17 -18.99
CA LEU G 14 17.99 -28.07 -19.82
C LEU G 14 17.42 -28.19 -21.23
N LEU G 15 17.09 -27.06 -21.85
CA LEU G 15 16.62 -27.06 -23.22
C LEU G 15 17.70 -26.49 -24.12
N SER G 16 17.78 -27.02 -25.35
CA SER G 16 18.62 -26.38 -26.35
C SER G 16 18.08 -25.00 -26.67
N ASN G 17 18.99 -24.10 -27.06
CA ASN G 17 18.56 -22.80 -27.54
C ASN G 17 17.53 -22.95 -28.64
N THR G 18 17.74 -23.95 -29.50
CA THR G 18 16.87 -24.08 -30.66
C THR G 18 15.45 -24.45 -30.23
N ASN G 19 15.33 -25.44 -29.32
N ASN G 19 15.32 -25.45 -29.33
CA ASN G 19 13.99 -25.79 -28.85
CA ASN G 19 14.00 -25.80 -28.82
C ASN G 19 13.39 -24.67 -28.00
C ASN G 19 13.40 -24.64 -28.05
N CYS G 20 14.21 -23.91 -27.28
CA CYS G 20 13.67 -22.79 -26.52
C CYS G 20 13.18 -21.69 -27.45
N LYS G 21 13.90 -21.43 -28.54
CA LYS G 21 13.43 -20.37 -29.43
C LYS G 21 12.15 -20.75 -30.16
N LYS G 22 11.76 -22.03 -30.13
CA LYS G 22 10.49 -22.42 -30.72
C LYS G 22 9.29 -21.81 -29.99
N TYR G 23 9.45 -21.40 -28.73
CA TYR G 23 8.42 -20.63 -28.04
C TYR G 23 8.76 -19.14 -27.95
N TRP G 24 9.97 -18.81 -27.47
CA TRP G 24 10.34 -17.43 -27.18
C TRP G 24 11.01 -16.69 -28.35
N GLY G 25 11.33 -17.38 -29.45
CA GLY G 25 11.88 -16.73 -30.63
C GLY G 25 13.10 -15.88 -30.32
N THR G 26 13.12 -14.67 -30.85
CA THR G 26 14.28 -13.81 -30.70
C THR G 26 14.39 -13.14 -29.33
N LYS G 27 13.49 -13.43 -28.38
CA LYS G 27 13.69 -12.92 -27.04
C LYS G 27 14.82 -13.63 -26.30
N ILE G 28 15.29 -14.79 -26.79
CA ILE G 28 16.35 -15.54 -26.13
C ILE G 28 17.69 -14.99 -26.62
N LYS G 29 18.46 -14.44 -25.69
CA LYS G 29 19.73 -13.76 -26.00
C LYS G 29 20.89 -14.63 -25.55
N ASP G 30 22.11 -14.16 -25.85
CA ASP G 30 23.26 -15.07 -25.77
C ASP G 30 23.66 -15.39 -24.32
N ALA G 31 23.27 -14.59 -23.32
CA ALA G 31 23.54 -14.93 -21.93
C ALA G 31 22.30 -15.48 -21.22
N MET G 32 21.45 -16.18 -21.95
CA MET G 32 20.30 -16.86 -21.38
C MET G 32 20.39 -18.34 -21.68
N ILE G 33 19.89 -19.15 -20.76
CA ILE G 33 19.75 -20.59 -20.98
C ILE G 33 18.34 -20.98 -20.56
N CYS G 34 17.71 -21.87 -21.32
CA CYS G 34 16.34 -22.24 -21.00
C CYS G 34 16.32 -23.57 -20.28
N ALA G 35 15.31 -23.75 -19.43
CA ALA G 35 15.12 -25.03 -18.78
C ALA G 35 13.66 -25.15 -18.38
N GLY G 36 13.18 -26.37 -18.27
CA GLY G 36 11.83 -26.62 -17.79
C GLY G 36 10.88 -26.96 -18.93
N ALA G 37 9.72 -26.31 -18.96
CA ALA G 37 8.60 -26.65 -19.85
C ALA G 37 8.14 -28.09 -19.62
N SER G 38 8.41 -28.60 -18.41
CA SER G 38 8.36 -30.03 -18.11
C SER G 38 7.37 -30.37 -17.00
N GLY G 39 6.42 -29.47 -16.73
CA GLY G 39 5.49 -29.67 -15.65
C GLY G 39 5.84 -28.91 -14.38
N VAL G 40 6.95 -28.18 -14.35
CA VAL G 40 7.30 -27.31 -13.23
C VAL G 40 7.65 -25.95 -13.80
N SER G 41 7.62 -24.94 -12.92
CA SER G 41 7.97 -23.59 -13.34
C SER G 41 8.51 -22.81 -12.16
N SER G 42 9.62 -22.09 -12.36
CA SER G 42 9.96 -21.04 -11.41
C SER G 42 8.88 -19.98 -11.43
N CYS G 43 8.76 -19.25 -10.32
CA CYS G 43 7.67 -18.28 -10.23
C CYS G 43 8.10 -17.12 -9.32
N MET G 44 7.16 -16.20 -9.04
CA MET G 44 7.51 -14.95 -8.35
C MET G 44 8.12 -15.23 -6.97
N GLY G 45 9.33 -14.69 -6.75
CA GLY G 45 10.11 -14.96 -5.55
C GLY G 45 11.24 -15.93 -5.76
N ASP G 46 11.27 -16.65 -6.90
CA ASP G 46 12.41 -17.54 -7.18
C ASP G 46 13.59 -16.83 -7.82
N SER G 47 13.37 -15.66 -8.45
CA SER G 47 14.40 -14.94 -9.19
C SER G 47 15.68 -14.82 -8.39
N GLY G 48 16.79 -14.95 -9.10
CA GLY G 48 18.09 -14.81 -8.53
C GLY G 48 18.57 -16.08 -7.84
N GLY G 49 17.70 -17.07 -7.60
CA GLY G 49 18.12 -18.35 -7.03
C GLY G 49 18.79 -19.22 -8.07
N PRO G 50 19.16 -20.43 -7.65
CA PRO G 50 20.02 -21.28 -8.48
C PRO G 50 19.28 -22.24 -9.41
N LEU G 51 19.95 -22.53 -10.51
CA LEU G 51 19.72 -23.71 -11.35
C LEU G 51 21.05 -24.47 -11.34
N VAL G 52 21.08 -25.64 -10.70
CA VAL G 52 22.33 -26.36 -10.52
C VAL G 52 22.26 -27.69 -11.27
N CYS G 53 23.40 -28.10 -11.80
CA CYS G 53 23.58 -29.43 -12.35
C CYS G 53 24.80 -30.04 -11.69
N LYS G 54 24.73 -31.34 -11.43
N LYS G 54 24.86 -31.36 -11.64
CA LYS G 54 25.69 -32.06 -10.61
CA LYS G 54 26.11 -31.99 -11.22
C LYS G 54 26.51 -32.96 -11.53
C LYS G 54 27.20 -31.81 -12.29
N LYS G 55 27.79 -32.62 -11.70
N LYS G 55 28.41 -31.46 -11.84
CA LYS G 55 28.76 -33.47 -12.38
CA LYS G 55 29.59 -31.43 -12.71
C LYS G 55 29.86 -33.81 -11.39
C LYS G 55 30.73 -32.09 -11.92
N ASN G 56 30.17 -35.11 -11.27
N ASN G 56 31.07 -33.33 -12.28
CA ASN G 56 31.26 -35.61 -10.42
CA ASN G 56 32.08 -34.12 -11.57
C ASN G 56 30.98 -35.40 -8.93
C ASN G 56 31.68 -34.40 -10.14
N GLY G 57 29.74 -35.68 -8.51
N GLY G 57 30.40 -34.72 -9.92
CA GLY G 57 29.40 -35.56 -7.11
CA GLY G 57 29.91 -35.10 -8.62
C GLY G 57 29.31 -34.14 -6.57
C GLY G 57 29.47 -33.96 -7.72
N ALA G 58 29.35 -33.12 -7.44
N ALA G 58 29.76 -32.71 -8.08
CA ALA G 58 29.31 -31.73 -7.02
CA ALA G 58 29.47 -31.56 -7.24
C ALA G 58 28.27 -30.98 -7.83
C ALA G 58 28.50 -30.61 -7.93
N TRP G 59 27.58 -30.06 -7.16
CA TRP G 59 26.57 -29.21 -7.75
C TRP G 59 27.18 -27.88 -8.22
N THR G 60 26.90 -27.53 -9.47
CA THR G 60 27.50 -26.39 -10.12
C THR G 60 26.40 -25.49 -10.66
N LEU G 61 26.61 -24.18 -10.50
CA LEU G 61 25.59 -23.19 -10.80
C LEU G 61 25.56 -22.95 -12.31
N VAL G 62 24.51 -23.42 -12.99
CA VAL G 62 24.45 -23.31 -14.45
C VAL G 62 23.55 -22.14 -14.86
N GLY G 63 22.51 -21.86 -14.09
CA GLY G 63 21.62 -20.75 -14.40
C GLY G 63 21.25 -19.98 -13.14
N ILE G 64 20.78 -18.76 -13.37
CA ILE G 64 20.20 -17.94 -12.32
C ILE G 64 18.76 -17.66 -12.71
N VAL G 65 17.81 -17.94 -11.81
CA VAL G 65 16.41 -17.72 -12.13
C VAL G 65 16.20 -16.29 -12.65
N SER G 66 15.58 -16.16 -13.81
CA SER G 66 15.45 -14.83 -14.43
C SER G 66 14.02 -14.48 -14.87
N TRP G 67 13.52 -15.09 -15.95
CA TRP G 67 12.18 -14.70 -16.42
C TRP G 67 11.50 -15.88 -17.08
N GLY G 68 10.23 -15.68 -17.42
CA GLY G 68 9.49 -16.72 -18.15
C GLY G 68 8.05 -16.33 -18.36
N SER G 69 7.21 -17.35 -18.55
CA SER G 69 5.77 -17.14 -18.72
C SER G 69 5.23 -16.19 -17.65
N SER G 70 4.35 -15.27 -18.07
N SER G 70 4.35 -15.29 -18.07
CA SER G 70 3.86 -14.26 -17.15
CA SER G 70 3.86 -14.27 -17.14
C SER G 70 2.84 -14.81 -16.16
C SER G 70 2.89 -14.83 -16.13
N THR G 71 2.36 -16.05 -16.36
CA THR G 71 1.55 -16.75 -15.39
C THR G 71 2.26 -18.03 -14.87
N CYS G 72 3.57 -18.13 -15.05
CA CYS G 72 4.34 -19.27 -14.53
C CYS G 72 3.82 -20.61 -15.06
N SER G 73 3.43 -20.62 -16.34
CA SER G 73 2.94 -21.85 -16.96
C SER G 73 4.00 -22.94 -16.93
N THR G 74 3.60 -24.15 -16.56
CA THR G 74 4.56 -25.24 -16.45
C THR G 74 4.87 -25.88 -17.78
N SER G 75 4.24 -25.44 -18.87
CA SER G 75 4.49 -26.04 -20.17
C SER G 75 5.30 -25.13 -21.08
N THR G 76 5.75 -23.97 -20.59
N THR G 76 5.81 -24.00 -20.57
CA THR G 76 6.62 -23.10 -21.38
CA THR G 76 6.59 -22.98 -21.23
C THR G 76 8.02 -23.11 -20.79
C THR G 76 8.03 -23.03 -20.74
N PRO G 77 9.04 -22.83 -21.60
CA PRO G 77 10.41 -22.82 -21.09
C PRO G 77 10.63 -21.68 -20.12
N GLY G 78 11.25 -21.99 -18.99
CA GLY G 78 11.78 -20.96 -18.13
C GLY G 78 13.12 -20.47 -18.63
N VAL G 79 13.40 -19.19 -18.41
CA VAL G 79 14.64 -18.62 -18.88
C VAL G 79 15.51 -18.20 -17.69
N TYR G 80 16.79 -18.52 -17.77
CA TYR G 80 17.74 -18.33 -16.69
C TYR G 80 18.96 -17.61 -17.24
N ALA G 81 19.62 -16.81 -16.40
CA ALA G 81 20.88 -16.23 -16.84
C ALA G 81 21.88 -17.37 -16.94
N ARG G 82 22.63 -17.40 -18.06
CA ARG G 82 23.52 -18.51 -18.38
C ARG G 82 24.88 -18.24 -17.73
N VAL G 83 25.19 -18.98 -16.66
CA VAL G 83 26.37 -18.64 -15.86
C VAL G 83 27.67 -18.81 -16.64
N THR G 84 27.77 -19.78 -17.55
CA THR G 84 29.01 -19.89 -18.33
C THR G 84 29.29 -18.63 -19.13
N ALA G 85 28.25 -17.91 -19.56
CA ALA G 85 28.51 -16.69 -20.30
C ALA G 85 28.91 -15.54 -19.39
N LEU G 86 28.74 -15.69 -18.08
CA LEU G 86 28.93 -14.57 -17.16
C LEU G 86 29.99 -14.82 -16.10
N VAL G 87 30.58 -16.02 -16.07
CA VAL G 87 31.47 -16.38 -14.97
C VAL G 87 32.81 -15.64 -15.08
N ASN G 88 33.27 -15.32 -16.29
CA ASN G 88 34.48 -14.53 -16.40
C ASN G 88 34.30 -13.16 -15.73
N TRP G 89 33.13 -12.55 -15.94
CA TRP G 89 32.80 -11.32 -15.24
C TRP G 89 32.74 -11.53 -13.73
N VAL G 90 32.24 -12.68 -13.30
CA VAL G 90 32.24 -12.96 -11.85
C VAL G 90 33.67 -13.00 -11.33
N GLN G 91 34.54 -13.76 -12.00
CA GLN G 91 35.88 -13.94 -11.46
C GLN G 91 36.66 -12.63 -11.48
N GLN G 92 36.51 -11.84 -12.54
CA GLN G 92 37.11 -10.52 -12.60
C GLN G 92 36.64 -9.63 -11.46
N THR G 93 35.34 -9.67 -11.14
CA THR G 93 34.81 -8.82 -10.09
C THR G 93 35.37 -9.23 -8.73
N LEU G 94 35.40 -10.53 -8.44
CA LEU G 94 35.98 -10.99 -7.18
C LEU G 94 37.44 -10.58 -7.07
N ALA G 95 38.21 -10.76 -8.15
CA ALA G 95 39.64 -10.48 -8.11
C ALA G 95 39.94 -9.01 -7.83
N ALA G 96 39.10 -8.12 -8.33
CA ALA G 96 39.30 -6.68 -8.17
C ALA G 96 38.75 -6.14 -6.84
N ASN G 97 38.08 -6.96 -6.04
CA ASN G 97 37.42 -6.47 -4.83
C ASN G 97 37.57 -7.42 -3.64
N ARG H 1 -5.42 13.32 -15.29
CA ARG H 1 -4.20 12.60 -15.01
C ARG H 1 -3.83 11.72 -16.19
N PRO H 2 -2.58 11.26 -16.24
CA PRO H 2 -2.18 10.38 -17.37
C PRO H 2 -3.04 9.12 -17.42
N ASP H 3 -3.37 8.69 -18.64
CA ASP H 3 -4.14 7.46 -18.83
C ASP H 3 -3.40 6.23 -18.29
N PHE H 4 -2.07 6.25 -18.22
CA PHE H 4 -1.41 5.04 -17.71
C PHE H 4 -1.81 4.76 -16.27
N CYS H 5 -2.31 5.79 -15.55
CA CYS H 5 -2.80 5.65 -14.19
C CYS H 5 -4.01 4.72 -14.11
N LEU H 6 -4.67 4.48 -15.23
CA LEU H 6 -5.88 3.66 -15.27
C LEU H 6 -5.57 2.22 -15.67
N GLU H 7 -4.31 1.90 -16.00
CA GLU H 7 -4.01 0.52 -16.38
C GLU H 7 -3.86 -0.34 -15.13
N PRO H 8 -4.34 -1.57 -15.17
CA PRO H 8 -4.13 -2.50 -14.05
C PRO H 8 -2.65 -2.71 -13.80
N PRO H 9 -2.28 -3.08 -12.57
CA PRO H 9 -0.86 -3.34 -12.24
C PRO H 9 -0.29 -4.48 -13.08
N TYR H 10 1.00 -4.38 -13.41
CA TYR H 10 1.64 -5.29 -14.37
C TYR H 10 2.83 -5.94 -13.69
N THR H 11 2.77 -7.25 -13.48
CA THR H 11 3.87 -7.90 -12.75
C THR H 11 5.03 -8.18 -13.68
N GLY H 12 4.75 -8.48 -14.95
CA GLY H 12 5.78 -8.62 -15.96
C GLY H 12 6.42 -9.99 -15.94
N PRO H 13 7.40 -10.23 -16.80
CA PRO H 13 7.90 -11.61 -16.96
C PRO H 13 8.98 -12.05 -15.99
N CYS H 14 9.62 -11.16 -15.24
CA CYS H 14 10.72 -11.61 -14.39
C CYS H 14 10.11 -12.22 -13.11
C 3EG H 15 10.76 -13.29 -9.90
N 3EG H 15 10.94 -12.93 -12.36
O 3EG H 15 10.85 -14.04 -8.91
CA 3EG H 15 10.44 -13.77 -11.30
CB 3EG H 15 11.01 -15.19 -11.39
FAC 3EG H 15 10.60 -17.28 -12.46
FAD 3EG H 15 8.92 -16.00 -12.12
FAE 3EG H 15 10.31 -15.53 -13.79
CG 3EG H 15 10.24 -15.97 -12.45
N ALA H 16 10.97 -11.98 -9.76
CA ALA H 16 11.18 -11.43 -8.40
C ALA H 16 9.83 -11.23 -7.71
N ARG H 17 9.89 -10.75 -6.49
N ARG H 17 9.88 -10.77 -6.47
CA ARG H 17 8.68 -10.47 -5.72
CA ARG H 17 8.65 -10.47 -5.74
C ARG H 17 8.92 -9.13 -5.03
C ARG H 17 8.88 -9.13 -5.03
N ILE H 18 8.74 -8.04 -5.78
CA ILE H 18 9.14 -6.71 -5.34
C ILE H 18 7.90 -5.87 -5.09
N ILE H 19 7.82 -5.27 -3.90
CA ILE H 19 6.63 -4.52 -3.55
C ILE H 19 6.66 -3.15 -4.21
N ARG H 20 5.60 -2.82 -4.96
CA ARG H 20 5.51 -1.54 -5.66
C ARG H 20 4.10 -1.02 -5.43
N TYR H 21 3.86 0.21 -5.88
CA TYR H 21 2.57 0.86 -5.75
C TYR H 21 1.98 1.14 -7.11
N PHE H 22 0.66 0.96 -7.23
CA PHE H 22 -0.04 1.38 -8.44
C PHE H 22 -1.28 2.17 -8.03
N TYR H 23 -1.67 3.09 -8.89
CA TYR H 23 -2.91 3.83 -8.65
C TYR H 23 -4.11 2.99 -9.02
N ASN H 24 -5.05 2.89 -8.11
CA ASN H 24 -6.29 2.14 -8.33
C ASN H 24 -7.42 3.14 -8.55
N ALA H 25 -7.78 3.38 -9.82
CA ALA H 25 -8.79 4.40 -10.15
C ALA H 25 -10.16 4.08 -9.55
N LYS H 26 -10.46 2.80 -9.36
CA LYS H 26 -11.75 2.42 -8.78
C LYS H 26 -11.85 2.84 -7.32
N ALA H 27 -10.75 2.74 -6.58
CA ALA H 27 -10.73 3.18 -5.19
C ALA H 27 -10.30 4.63 -5.03
N GLY H 28 -9.66 5.22 -6.03
CA GLY H 28 -9.19 6.57 -5.86
C GLY H 28 -7.94 6.72 -5.03
N LEU H 29 -7.14 5.67 -4.88
CA LEU H 29 -5.88 5.83 -4.17
C LEU H 29 -4.89 4.76 -4.62
N CYS H 30 -3.65 4.88 -4.13
CA CYS H 30 -2.61 3.92 -4.49
C CYS H 30 -2.62 2.70 -3.57
N GLN H 31 -2.25 1.55 -4.15
N GLN H 31 -2.35 1.54 -4.16
CA GLN H 31 -2.33 0.24 -3.53
CA GLN H 31 -2.32 0.28 -3.44
C GLN H 31 -1.06 -0.53 -3.86
C GLN H 31 -0.96 -0.38 -3.72
N THR H 32 -0.64 -1.43 -2.97
CA THR H 32 0.57 -2.19 -3.19
C THR H 32 0.25 -3.35 -4.11
N PHE H 33 1.28 -3.82 -4.80
CA PHE H 33 1.23 -5.03 -5.61
C PHE H 33 2.64 -5.56 -5.68
N VAL H 34 2.74 -6.78 -6.16
CA VAL H 34 4.01 -7.49 -6.32
C VAL H 34 4.46 -7.41 -7.78
N TYR H 35 5.65 -6.85 -7.99
CA TYR H 35 6.24 -6.63 -9.31
C TYR H 35 7.36 -7.65 -9.55
N GLY H 36 7.37 -8.22 -10.75
CA GLY H 36 8.38 -9.22 -11.12
C GLY H 36 9.81 -8.69 -11.26
N GLY H 37 10.02 -7.38 -11.33
CA GLY H 37 11.37 -6.84 -11.34
C GLY H 37 11.88 -6.39 -12.72
N CYS H 38 11.19 -6.70 -13.81
CA CYS H 38 11.61 -6.11 -15.09
C CYS H 38 10.41 -5.71 -15.96
N ARG H 39 10.65 -4.71 -16.81
CA ARG H 39 9.67 -4.27 -17.82
C ARG H 39 8.43 -3.65 -17.18
N ALA H 40 8.65 -2.88 -16.10
CA ALA H 40 7.55 -2.15 -15.46
C ALA H 40 6.76 -1.32 -16.47
N LYS H 41 5.45 -1.24 -16.26
CA LYS H 41 4.68 -0.18 -16.90
C LYS H 41 4.77 1.07 -16.05
N ARG H 42 4.13 2.14 -16.51
CA ARG H 42 4.31 3.40 -15.80
C ARG H 42 3.49 3.51 -14.50
N ASN H 43 2.40 2.76 -14.35
CA ASN H 43 1.62 2.77 -13.11
C ASN H 43 2.32 1.81 -12.14
N ASN H 44 3.53 2.19 -11.75
CA ASN H 44 4.40 1.32 -10.95
C ASN H 44 5.38 2.27 -10.27
N PHE H 45 5.25 2.46 -8.95
CA PHE H 45 5.99 3.46 -8.21
C PHE H 45 6.64 2.79 -7.00
N LYS H 46 7.76 3.36 -6.55
CA LYS H 46 8.47 2.86 -5.37
C LYS H 46 7.91 3.39 -4.07
N SER H 47 7.06 4.41 -4.08
CA SER H 47 6.39 4.84 -2.86
C SER H 47 4.96 5.24 -3.18
N ALA H 48 4.13 5.21 -2.14
CA ALA H 48 2.74 5.67 -2.25
C ALA H 48 2.68 7.15 -2.61
N GLU H 49 3.61 7.93 -2.05
CA GLU H 49 3.63 9.37 -2.30
C GLU H 49 3.94 9.68 -3.76
N ASP H 50 4.94 9.01 -4.36
CA ASP H 50 5.21 9.23 -5.79
C ASP H 50 3.98 8.88 -6.60
N CYS H 51 3.35 7.76 -6.24
CA CYS H 51 2.18 7.27 -6.94
C CYS H 51 1.05 8.28 -6.88
N MET H 52 0.80 8.84 -5.70
CA MET H 52 -0.32 9.77 -5.53
C MET H 52 -0.02 11.13 -6.15
N ARG H 53 1.25 11.55 -6.11
CA ARG H 53 1.61 12.80 -6.80
C ARG H 53 1.46 12.67 -8.30
N THR H 54 1.58 11.46 -8.84
CA THR H 54 1.55 11.27 -10.29
C THR H 54 0.15 10.92 -10.79
N CYS H 55 -0.65 10.22 -10.00
CA CYS H 55 -1.90 9.69 -10.49
C CYS H 55 -3.09 10.09 -9.63
N GLY H 56 -2.87 10.81 -8.54
CA GLY H 56 -3.94 11.12 -7.60
C GLY H 56 -5.08 11.83 -8.29
N GLY H 57 -6.31 11.31 -8.12
CA GLY H 57 -7.49 11.87 -8.74
C GLY H 57 -7.84 11.36 -10.14
N ALA H 58 -7.00 10.54 -10.76
CA ALA H 58 -7.37 9.97 -12.05
C ALA H 58 -8.63 9.10 -11.91
C1 GOL I . -31.19 33.78 2.71
O1 GOL I . -31.62 33.13 3.92
C2 GOL I . -29.87 33.07 2.15
O2 GOL I . -28.64 33.59 2.64
C3 GOL I . -30.05 31.57 2.50
O3 GOL I . -29.34 30.78 1.57
C1 GOL J . -12.42 21.63 -16.96
O1 GOL J . -13.68 21.47 -16.34
C2 GOL J . -11.43 20.74 -16.14
O2 GOL J . -11.63 19.37 -16.34
C3 GOL J . -10.02 21.19 -16.56
O3 GOL J . -9.17 20.17 -16.14
C1 GOL K . -31.29 17.80 19.83
O1 GOL K . -30.56 18.14 20.97
C2 GOL K . -31.73 19.15 19.18
O2 GOL K . -33.03 19.03 18.73
C3 GOL K . -31.62 20.24 20.35
O3 GOL K . -30.91 21.39 19.86
C1 GOL L . -24.89 31.60 26.25
O1 GOL L . -25.57 32.25 25.21
C2 GOL L . -23.58 32.40 26.44
O2 GOL L . -23.26 33.10 25.27
C3 GOL L . -22.47 31.35 26.88
O3 GOL L . -23.03 30.50 27.88
C1 GOL M . -19.71 36.98 0.98
O1 GOL M . -19.29 37.21 -0.35
C2 GOL M . -18.58 37.50 1.95
O2 GOL M . -18.96 37.37 3.34
C3 GOL M . -18.31 38.99 1.52
O3 GOL M . -16.93 39.20 1.25
C1 GOL N . -29.57 19.31 -7.43
O1 GOL N . -28.38 19.17 -8.14
C2 GOL N . -29.82 20.87 -7.21
O2 GOL N . -31.05 21.07 -6.51
C3 GOL N . -29.81 21.56 -8.66
O3 GOL N . -28.49 22.02 -8.95
C1 GOL O . -7.46 20.19 -7.50
O1 GOL O . -7.46 18.80 -7.61
C2 GOL O . -7.28 20.51 -6.00
O2 GOL O . -8.02 19.66 -5.18
C3 GOL O . -5.74 20.49 -5.78
O3 GOL O . -5.47 19.59 -4.74
S SO4 P . -15.90 13.54 28.23
O1 SO4 P . -16.19 13.17 29.63
O2 SO4 P . -14.79 12.73 27.73
O3 SO4 P . -15.54 14.96 28.16
O4 SO4 P . -17.09 13.27 27.44
S SO4 Q . -7.66 23.19 25.08
O1 SO4 Q . -8.28 22.47 26.20
O2 SO4 Q . -6.21 22.99 25.05
O3 SO4 Q . -7.95 24.63 25.20
O4 SO4 Q . -8.26 22.63 23.86
C1 GOL R . -28.82 0.59 3.60
O1 GOL R . -28.94 0.26 4.99
C2 GOL R . -29.15 2.14 3.36
O2 GOL R . -30.45 2.49 3.78
C3 GOL R . -28.93 2.38 1.80
O3 GOL R . -29.99 3.15 1.26
C1 GOL S . -28.09 -1.75 8.42
O1 GOL S . -27.18 -1.23 9.38
C2 GOL S . -29.22 -0.68 8.13
O2 GOL S . -30.29 -1.19 7.35
C3 GOL S . -29.69 -0.08 9.52
O3 GOL S . -30.34 -1.06 10.28
C1 GOL T . -18.41 24.83 27.78
O1 GOL T . -19.48 25.73 27.53
C2 GOL T . -17.21 25.60 28.45
O2 GOL T . -17.40 26.99 28.47
C3 GOL T . -15.93 25.14 27.62
O3 GOL T . -14.83 26.02 27.88
C1 GOL U . -17.07 35.44 13.91
O1 GOL U . -18.22 34.69 14.32
C2 GOL U . -15.82 34.55 14.26
O2 GOL U . -14.60 35.13 13.89
C3 GOL U . -15.96 34.30 15.77
O3 GOL U . -15.41 35.42 16.40
C1 GOL V . -33.77 16.66 22.66
O1 GOL V . -32.54 17.31 22.65
C2 GOL V . -34.04 16.19 24.12
O2 GOL V . -34.57 14.89 24.11
C3 GOL V . -32.65 16.35 24.91
O3 GOL V . -32.68 15.61 26.14
C1 GOL W . -18.01 12.50 -10.78
O1 GOL W . -17.59 11.92 -9.61
C2 GOL W . -19.16 13.43 -10.39
O2 GOL W . -18.87 14.21 -9.31
C3 GOL W . -20.26 12.53 -10.03
O3 GOL W . -21.02 13.36 -9.22
C1 GOL X . -35.30 31.56 9.52
O1 GOL X . -34.00 31.76 10.02
C2 GOL X . -35.20 31.21 8.00
O2 GOL X . -36.04 30.13 7.64
C3 GOL X . -35.57 32.52 7.24
O3 GOL X . -35.62 32.20 5.86
C1 GOL Y . -23.98 12.10 28.91
O1 GOL Y . -23.82 10.71 28.71
C2 GOL Y . -22.60 12.65 29.40
O2 GOL Y . -21.97 11.76 30.25
C3 GOL Y . -21.74 12.96 28.08
O3 GOL Y . -20.36 13.03 28.49
C1 GOL Z . -20.19 8.43 29.93
O1 GOL Z . -21.43 8.99 29.48
C2 GOL Z . -19.06 9.13 29.13
O2 GOL Z . -18.71 10.36 29.69
C3 GOL Z . -17.84 8.11 29.03
O3 GOL Z . -18.08 6.98 29.86
C1 GOL AA . -16.68 2.60 23.35
O1 GOL AA . -18.02 3.08 23.12
C2 GOL AA . -16.47 1.72 24.61
O2 GOL AA . -17.50 0.66 24.93
C3 GOL AA . -15.97 2.72 25.79
O3 GOL AA . -15.51 1.87 26.89
C1 GOL BA . -37.60 15.11 24.12
O1 GOL BA . -37.09 16.11 23.26
C2 GOL BA . -38.80 14.37 23.41
O2 GOL BA . -39.07 13.13 24.00
C3 GOL BA . -38.46 14.37 21.84
O3 GOL BA . -39.00 13.25 21.17
S SO4 CA . -20.88 3.57 26.91
O1 SO4 CA . -20.76 3.58 28.35
O2 SO4 CA . -20.28 2.35 26.32
O3 SO4 CA . -20.19 4.79 26.47
O4 SO4 CA . -22.28 3.54 26.49
S SO4 DA . -24.49 0.20 12.33
O1 SO4 DA . -25.03 -1.10 12.68
O2 SO4 DA . -23.47 0.64 13.27
O3 SO4 DA . -23.88 0.06 11.02
O4 SO4 DA . -25.64 1.12 12.33
S SO4 EA . -18.70 4.57 28.27
O1 SO4 EA . -19.22 4.92 29.61
O2 SO4 EA . -18.90 3.13 28.07
O3 SO4 EA . -17.26 4.91 28.17
O4 SO4 EA . -19.45 5.27 27.23
S SO4 FA . -23.15 -0.21 13.41
O1 SO4 FA . -23.71 0.72 14.37
O2 SO4 FA . -22.32 -1.19 14.12
O3 SO4 FA . -22.34 0.49 12.43
O4 SO4 FA . -24.23 -0.88 12.70
C1 GOL GA . -11.03 -8.19 17.12
O1 GOL GA . -10.67 -7.59 15.92
C2 GOL GA . -11.47 -9.71 16.83
O2 GOL GA . -11.57 -10.47 18.03
C3 GOL GA . -12.82 -9.64 16.01
O3 GOL GA . -12.99 -10.85 15.31
C1 GOL HA . -4.00 10.14 9.90
O1 GOL HA . -4.57 10.35 11.26
C2 GOL HA . -2.59 9.48 9.84
O2 GOL HA . -1.54 10.40 9.99
C3 GOL HA . -2.54 8.58 8.53
O3 GOL HA . -2.57 9.35 7.27
S SO4 IA . -7.66 -6.44 17.22
O1 SO4 IA . -8.93 -5.91 17.74
O2 SO4 IA . -7.18 -7.45 18.19
O3 SO4 IA . -6.68 -5.38 17.21
O4 SO4 IA . -7.91 -6.99 15.89
S SO4 JA . -5.97 6.87 15.25
O1 SO4 JA . -5.64 7.09 16.63
O2 SO4 JA . -5.77 5.49 14.84
O3 SO4 JA . -7.35 7.26 14.95
O4 SO4 JA . -5.03 7.65 14.46
S SO4 KA . -17.00 -2.67 17.12
O1 SO4 KA . -17.26 -1.76 18.24
O2 SO4 KA . -17.63 -3.98 17.37
O3 SO4 KA . -15.56 -2.79 16.93
O4 SO4 KA . -17.55 -2.06 15.87
S SO4 LA . -1.76 -12.95 20.06
O1 SO4 LA . -0.35 -12.98 20.48
O2 SO4 LA . -2.58 -13.76 20.98
O3 SO4 LA . -1.88 -13.50 18.71
O4 SO4 LA . -2.27 -11.58 19.99
S SO4 MA . -2.34 -11.00 20.04
O1 SO4 MA . -3.29 -12.00 20.51
O2 SO4 MA . -2.28 -9.96 21.07
O3 SO4 MA . -1.03 -11.60 19.84
O4 SO4 MA . -2.76 -10.40 18.78
S SO4 NA . 1.24 2.11 15.70
O1 SO4 NA . 1.22 2.52 17.14
O2 SO4 NA . 2.03 0.89 15.49
O3 SO4 NA . -0.09 1.72 15.21
O4 SO4 NA . 1.71 3.25 14.89
S SO4 OA . -7.83 -5.41 18.20
O1 SO4 OA . -8.12 -4.30 19.13
O2 SO4 OA . -7.43 -6.60 18.96
O3 SO4 OA . -8.98 -5.71 17.36
O4 SO4 OA . -6.72 -5.02 17.36
C1 GOL PA . 9.59 -32.05 -8.00
O1 GOL PA . 8.94 -32.92 -7.14
C2 GOL PA . 10.30 -32.91 -9.06
O2 GOL PA . 10.90 -32.08 -9.97
C3 GOL PA . 9.18 -33.68 -9.77
O3 GOL PA . 9.01 -33.02 -10.99
C1 GOL QA . 38.35 -18.62 -19.08
O1 GOL QA . 38.06 -18.27 -20.43
C2 GOL QA . 38.57 -20.18 -19.02
O2 GOL QA . 38.41 -20.70 -17.72
C3 GOL QA . 37.60 -20.80 -20.09
O3 GOL QA . 37.36 -22.13 -19.72
C1 GOL RA . 7.75 -21.65 14.89
O1 GOL RA . 7.79 -20.27 15.20
C2 GOL RA . 9.13 -22.19 15.35
O2 GOL RA . 9.29 -22.08 16.72
C3 GOL RA . 9.26 -23.69 14.82
O3 GOL RA . 8.23 -23.95 13.91
C1 GOL SA . 34.98 -19.94 -7.14
O1 GOL SA . 35.75 -20.03 -8.34
C2 GOL SA . 35.23 -18.55 -6.50
O2 GOL SA . 36.46 -17.98 -6.91
C3 GOL SA . 35.19 -18.83 -4.99
O3 GOL SA . 35.49 -17.61 -4.36
S SO4 TA . 23.52 -7.07 -24.86
O1 SO4 TA . 24.73 -7.63 -24.23
O2 SO4 TA . 22.47 -8.08 -24.93
O3 SO4 TA . 23.07 -5.90 -24.09
O4 SO4 TA . 23.82 -6.64 -26.23
S SO4 UA . 31.22 -3.91 -14.70
O1 SO4 UA . 30.11 -4.58 -14.02
O2 SO4 UA . 32.53 -4.50 -14.35
O3 SO4 UA . 31.04 -4.08 -16.16
O4 SO4 UA . 31.22 -2.49 -14.27
S SO4 VA . 19.81 -0.44 -21.28
O1 SO4 VA . 19.44 0.85 -20.68
O2 SO4 VA . 19.66 -1.48 -20.25
O3 SO4 VA . 18.95 -0.70 -22.45
O4 SO4 VA . 21.20 -0.43 -21.74
S SO4 WA . 18.72 1.95 -18.38
O1 SO4 WA . 18.11 2.45 -17.15
O2 SO4 WA . 19.88 1.11 -18.00
O3 SO4 WA . 17.74 1.14 -19.12
O4 SO4 WA . 19.11 3.03 -19.32
C1 GOL XA . 33.11 -11.37 -21.37
O1 GOL XA . 33.54 -11.33 -20.02
C2 GOL XA . 33.60 -12.74 -21.97
O2 GOL XA . 34.82 -13.14 -21.40
C3 GOL XA . 32.42 -13.76 -21.70
O3 GOL XA . 32.93 -15.07 -21.83
C1 GOL YA . 22.06 -25.23 -29.94
O1 GOL YA . 20.67 -25.28 -29.79
C2 GOL YA . 22.75 -25.00 -28.53
O2 GOL YA . 21.89 -25.13 -27.43
C3 GOL YA . 23.43 -23.60 -28.62
O3 GOL YA . 23.77 -23.22 -27.30
C1 GOL ZA . 22.53 -9.90 -28.90
O1 GOL ZA . 23.01 -9.55 -27.61
C2 GOL ZA . 21.81 -11.29 -28.72
O2 GOL ZA . 22.39 -12.02 -27.72
C3 GOL ZA . 21.86 -12.03 -30.11
O3 GOL ZA . 20.58 -11.86 -30.68
C1 GOL AB . 19.56 -20.87 -33.45
O1 GOL AB . 18.20 -21.20 -33.67
C2 GOL AB . 19.98 -21.28 -31.97
O2 GOL AB . 20.32 -20.16 -31.19
C3 GOL AB . 21.18 -22.32 -32.10
O3 GOL AB . 22.09 -22.10 -31.03
S SO4 BB . 4.27 -24.22 3.29
O1 SO4 BB . 3.96 -24.97 4.52
O2 SO4 BB . 5.71 -24.20 3.12
O3 SO4 BB . 3.70 -22.85 3.40
O4 SO4 BB . 3.75 -24.97 2.15
S SO4 CB . 22.45 -25.64 -24.01
O1 SO4 CB . 21.29 -26.22 -23.34
O2 SO4 CB . 23.59 -25.72 -23.10
O3 SO4 CB . 22.19 -24.24 -24.38
O4 SO4 CB . 22.71 -26.39 -25.26
C1 GOL DB . 6.75 -3.09 -20.44
O1 GOL DB . 5.35 -3.27 -20.49
C2 GOL DB . 7.16 -1.59 -20.23
O2 GOL DB . 8.47 -1.54 -19.57
C3 GOL DB . 7.11 -0.89 -21.67
O3 GOL DB . 5.71 -0.72 -22.03
C1 GOL EB . -8.19 0.62 -12.89
O1 GOL EB . -8.82 0.46 -11.62
C2 GOL EB . -6.85 -0.11 -12.75
O2 GOL EB . -6.98 -1.32 -11.97
C3 GOL EB . -5.87 0.95 -12.05
O3 GOL EB . -6.49 2.25 -12.14
S SO4 FB . 12.45 -1.16 -12.44
O1 SO4 FB . 12.49 -2.59 -12.71
O2 SO4 FB . 12.98 -0.78 -11.15
O3 SO4 FB . 13.22 -0.50 -13.46
O4 SO4 FB . 11.07 -0.69 -12.43
#